data_6NLP
#
_entry.id   6NLP
#
_cell.length_a   161.895
_cell.length_b   42.896
_cell.length_c   122.771
_cell.angle_alpha   90.00
_cell.angle_beta   121.96
_cell.angle_gamma   90.00
#
_symmetry.space_group_name_H-M   'C 1 2 1'
#
loop_
_entity.id
_entity.type
_entity.pdbx_description
1 polymer 'Bacterial extracellular solute-binding family protein'
2 non-polymer IMIDAZOLE
3 non-polymer 1,2-ETHANEDIOL
4 water water
#
_entity_poly.entity_id   1
_entity_poly.type   'polypeptide(L)'
_entity_poly.pdbx_seq_one_letter_code
;SNAEPPTNLDKPEGRLDIIAWPGYIERGQTDKQYDWVTQFEKETGCAVNVKTAATSDE(MSE)VSL(MSE)TKGGYDLVT
ASGDASLRLI(MSE)GKRVQPINTALIPNWKTLDPRVVKGDWFNVGGKVYGTPYQWGPNLL(MSE)YNTKTFPTPPDSWQ
VVFVEQNLPDGKSNKGRVQAYDGPIYIADAALFVKATQPQLGISDPYQLTEEQYQAVLKVLRAQHSLIHRYWHDTTVQ
(MSE)SDFKNEGVVASSAWPYQANALKAEGQPVATVFPKEGVTGWADTT(MSE)LHSEAKHPVCAYKW(MSE)NWSLTPK
VQGDVAAWFGSLPVVPEGCKASPLLGEKGCETNGFNYFDKIAFWKTPIAEGGKFVPYSRWTQDYIAI(MSE)GGR
;
_entity_poly.pdbx_strand_id   A,B
#
loop_
_chem_comp.id
_chem_comp.type
_chem_comp.name
_chem_comp.formula
EDO non-polymer 1,2-ETHANEDIOL 'C2 H6 O2'
IMD non-polymer IMIDAZOLE 'C3 H5 N2 1'
#
# COMPACT_ATOMS: atom_id res chain seq x y z
N ASP A 10 26.25 20.36 -21.54
CA ASP A 10 26.15 20.84 -20.17
C ASP A 10 27.51 21.10 -19.56
N LYS A 11 27.60 22.14 -18.73
CA LYS A 11 28.87 22.51 -18.14
C LYS A 11 29.44 21.34 -17.34
N PRO A 12 30.70 20.95 -17.57
CA PRO A 12 31.20 19.70 -17.00
C PRO A 12 31.53 19.86 -15.53
N GLU A 13 31.42 18.74 -14.80
CA GLU A 13 31.64 18.71 -13.37
C GLU A 13 31.04 19.94 -12.71
N GLY A 14 29.83 20.31 -13.12
CA GLY A 14 29.22 21.53 -12.65
C GLY A 14 28.00 21.30 -11.78
N ARG A 15 27.65 20.03 -11.56
CA ARG A 15 26.54 19.72 -10.67
C ARG A 15 26.81 18.39 -9.97
N LEU A 16 25.98 18.13 -8.96
CA LEU A 16 26.13 16.98 -8.08
C LEU A 16 24.72 16.60 -7.64
N ASP A 17 24.24 15.46 -8.10
CA ASP A 17 22.90 14.96 -7.79
C ASP A 17 22.98 13.93 -6.66
N ILE A 18 22.40 14.25 -5.51
CA ILE A 18 22.52 13.44 -4.29
C ILE A 18 21.13 12.99 -3.82
N ILE A 19 21.00 11.71 -3.51
CA ILE A 19 19.84 11.17 -2.80
C ILE A 19 20.16 11.20 -1.31
N ALA A 20 19.28 11.79 -0.50
CA ALA A 20 19.62 11.91 0.91
C ALA A 20 18.37 11.80 1.80
N TRP A 21 18.61 11.38 3.04
CA TRP A 21 17.55 11.46 4.05
C TRP A 21 17.13 12.94 4.22
N PRO A 22 15.89 13.20 4.67
CA PRO A 22 15.48 14.60 4.86
C PRO A 22 16.34 15.27 5.92
N GLY A 23 16.75 16.50 5.61
CA GLY A 23 17.59 17.26 6.51
C GLY A 23 19.09 17.01 6.39
N TYR A 24 19.51 15.98 5.65
CA TYR A 24 20.93 15.65 5.61
C TYR A 24 21.74 16.68 4.83
N ILE A 25 21.14 17.34 3.85
CA ILE A 25 21.83 18.28 2.99
C ILE A 25 21.10 19.60 3.13
N GLU A 26 21.71 20.54 3.84
CA GLU A 26 21.10 21.83 4.11
C GLU A 26 21.92 22.94 3.48
N ARG A 27 21.24 23.95 2.96
CA ARG A 27 21.87 25.07 2.30
C ARG A 27 21.41 26.39 2.89
N GLY A 28 21.06 26.40 4.17
CA GLY A 28 20.62 27.62 4.82
C GLY A 28 19.26 28.14 4.40
N GLN A 29 18.49 27.37 3.62
CA GLN A 29 17.17 27.83 3.19
C GLN A 29 16.10 27.50 4.22
N THR A 30 16.29 26.46 5.01
CA THR A 30 15.40 26.26 6.14
C THR A 30 15.79 27.17 7.30
N ASP A 31 17.05 27.10 7.71
CA ASP A 31 17.59 27.94 8.77
C ASP A 31 18.97 28.38 8.31
N LYS A 32 19.14 29.69 8.13
CA LYS A 32 20.40 30.31 7.74
C LYS A 32 21.60 29.74 8.48
N GLN A 33 21.43 29.50 9.80
CA GLN A 33 22.55 29.00 10.61
C GLN A 33 23.04 27.64 10.15
N TYR A 34 22.15 26.84 9.55
CA TYR A 34 22.46 25.46 9.20
C TYR A 34 22.68 25.39 7.69
N ASP A 35 23.95 25.32 7.28
CA ASP A 35 24.30 25.45 5.87
C ASP A 35 25.65 24.78 5.67
N TRP A 36 25.67 23.65 5.01
CA TRP A 36 26.93 23.04 4.61
C TRP A 36 26.96 22.77 3.11
N VAL A 37 26.24 23.58 2.33
CA VAL A 37 26.23 23.45 0.87
C VAL A 37 26.71 24.73 0.18
N THR A 38 26.37 25.90 0.72
CA THR A 38 26.72 27.16 0.04
C THR A 38 28.22 27.31 -0.15
N GLN A 39 28.99 26.97 0.88
CA GLN A 39 30.44 27.16 0.83
C GLN A 39 31.06 26.17 -0.13
N PHE A 40 30.52 24.95 -0.18
CA PHE A 40 30.97 23.96 -1.14
C PHE A 40 30.69 24.41 -2.57
N GLU A 41 29.51 25.00 -2.79
CA GLU A 41 29.18 25.47 -4.13
C GLU A 41 30.02 26.66 -4.54
N LYS A 42 30.34 27.56 -3.59
CA LYS A 42 31.23 28.69 -3.87
C LYS A 42 32.61 28.22 -4.31
N GLU A 43 33.21 27.30 -3.57
CA GLU A 43 34.60 26.84 -3.84
C GLU A 43 34.72 25.90 -5.04
N THR A 44 33.68 25.14 -5.40
CA THR A 44 33.78 24.18 -6.49
C THR A 44 33.11 24.59 -7.79
N GLY A 45 32.24 25.60 -7.77
CA GLY A 45 31.44 25.90 -8.93
C GLY A 45 30.43 24.84 -9.29
N CYS A 46 29.89 24.12 -8.31
CA CYS A 46 29.12 22.92 -8.57
C CYS A 46 27.76 23.00 -7.87
N ALA A 47 26.70 23.03 -8.67
CA ALA A 47 25.34 23.15 -8.16
C ALA A 47 24.87 21.82 -7.55
N VAL A 48 24.64 21.79 -6.24
CA VAL A 48 24.22 20.56 -5.57
C VAL A 48 22.70 20.43 -5.64
N ASN A 49 22.23 19.30 -6.18
N ASN A 49 22.25 19.29 -6.18
CA ASN A 49 20.81 19.02 -6.27
CA ASN A 49 20.83 18.95 -6.31
C ASN A 49 20.48 17.78 -5.44
C ASN A 49 20.53 17.79 -5.38
N VAL A 50 19.60 17.96 -4.44
CA VAL A 50 19.23 16.91 -3.49
C VAL A 50 17.86 16.34 -3.85
N LYS A 51 17.79 15.01 -3.94
CA LYS A 51 16.51 14.28 -3.94
C LYS A 51 16.35 13.62 -2.57
N THR A 52 15.30 13.99 -1.83
CA THR A 52 15.12 13.42 -0.51
C THR A 52 14.32 12.13 -0.60
N ALA A 53 14.66 11.16 0.26
CA ALA A 53 13.87 9.94 0.36
C ALA A 53 13.83 9.51 1.82
N ALA A 54 12.78 8.78 2.19
CA ALA A 54 12.49 8.51 3.59
C ALA A 54 12.50 7.02 3.91
N THR A 55 12.89 6.16 2.98
CA THR A 55 13.15 4.77 3.27
C THR A 55 14.33 4.32 2.44
N SER A 56 15.03 3.32 2.95
CA SER A 56 16.12 2.71 2.19
C SER A 56 15.60 1.98 0.97
N ASP A 57 14.38 1.43 1.02
CA ASP A 57 13.81 0.78 -0.16
C ASP A 57 13.65 1.78 -1.31
N GLU A 58 13.14 2.97 -1.00
CA GLU A 58 13.04 4.05 -1.98
C GLU A 58 14.42 4.45 -2.52
N MSE A 59 15.44 4.50 -1.65
CA MSE A 59 16.78 4.88 -2.11
C MSE A 59 17.38 3.84 -3.03
O MSE A 59 18.08 4.16 -4.00
CB MSE A 59 17.74 5.12 -0.94
CG MSE A 59 17.36 6.29 -0.09
SE MSE A 59 18.75 6.90 1.12
CE MSE A 59 17.60 8.25 1.98
N VAL A 60 17.12 2.57 -2.71
CA VAL A 60 17.58 1.50 -3.59
C VAL A 60 16.93 1.64 -4.97
N SER A 61 15.62 1.89 -5.01
CA SER A 61 14.94 2.04 -6.29
C SER A 61 15.47 3.25 -7.08
N LEU A 62 15.72 4.36 -6.40
CA LEU A 62 16.20 5.55 -7.10
C LEU A 62 17.58 5.31 -7.69
N MSE A 63 18.44 4.62 -6.97
CA MSE A 63 19.77 4.35 -7.46
C MSE A 63 19.72 3.39 -8.63
O MSE A 63 20.43 3.57 -9.62
CB MSE A 63 20.64 3.79 -6.35
CG MSE A 63 21.08 4.85 -5.40
SE MSE A 63 22.35 6.06 -6.20
CE MSE A 63 23.95 4.97 -5.98
N THR A 64 18.88 2.36 -8.51
CA THR A 64 18.74 1.42 -9.62
C THR A 64 18.33 2.16 -10.89
N LYS A 65 17.45 3.16 -10.77
CA LYS A 65 16.97 3.85 -11.97
C LYS A 65 18.05 4.72 -12.60
N GLY A 66 18.99 5.26 -11.81
CA GLY A 66 20.10 6.06 -12.31
C GLY A 66 19.84 7.57 -12.24
N GLY A 67 20.86 8.33 -12.63
CA GLY A 67 20.78 9.77 -12.68
C GLY A 67 21.28 10.51 -11.45
N TYR A 68 21.67 9.80 -10.40
CA TYR A 68 22.21 10.39 -9.19
C TYR A 68 23.67 10.00 -9.04
N ASP A 69 24.47 10.95 -8.58
CA ASP A 69 25.90 10.75 -8.34
C ASP A 69 26.14 10.03 -7.03
N LEU A 70 25.43 10.44 -5.97
CA LEU A 70 25.66 9.98 -4.62
C LEU A 70 24.34 9.66 -3.95
N VAL A 71 24.42 8.80 -2.93
CA VAL A 71 23.32 8.48 -2.03
C VAL A 71 23.89 8.39 -0.61
N THR A 72 23.13 8.88 0.38
CA THR A 72 23.50 8.67 1.77
C THR A 72 22.74 7.43 2.27
N ALA A 73 23.26 6.25 1.93
CA ALA A 73 22.59 4.97 2.20
C ALA A 73 22.85 4.46 3.61
N SER A 74 21.79 3.99 4.29
CA SER A 74 21.92 3.25 5.53
C SER A 74 22.37 1.82 5.24
N GLY A 75 22.63 1.07 6.31
CA GLY A 75 23.11 -0.29 6.16
C GLY A 75 22.12 -1.24 5.50
N ASP A 76 20.83 -0.94 5.57
CA ASP A 76 19.84 -1.79 4.92
C ASP A 76 19.65 -1.41 3.45
N ALA A 77 20.46 -0.49 2.94
CA ALA A 77 20.62 -0.26 1.51
C ALA A 77 22.04 -0.54 1.01
N SER A 78 23.07 -0.30 1.83
CA SER A 78 24.43 -0.22 1.30
C SER A 78 24.88 -1.57 0.72
N LEU A 79 24.65 -2.66 1.46
CA LEU A 79 25.06 -3.96 0.92
C LEU A 79 24.22 -4.34 -0.29
N ARG A 80 22.92 -4.00 -0.29
N ARG A 80 22.92 -4.02 -0.27
CA ARG A 80 22.10 -4.25 -1.47
CA ARG A 80 22.09 -4.23 -1.46
C ARG A 80 22.66 -3.51 -2.68
C ARG A 80 22.68 -3.51 -2.67
N LEU A 81 23.18 -2.29 -2.47
CA LEU A 81 23.70 -1.53 -3.61
C LEU A 81 25.03 -2.11 -4.08
N ILE A 82 25.89 -2.53 -3.15
CA ILE A 82 27.18 -3.12 -3.52
C ILE A 82 26.96 -4.43 -4.28
N MSE A 83 26.11 -5.29 -3.75
N MSE A 83 26.12 -5.29 -3.74
CA MSE A 83 25.85 -6.58 -4.38
CA MSE A 83 25.80 -6.58 -4.35
C MSE A 83 25.16 -6.45 -5.73
C MSE A 83 25.20 -6.42 -5.73
O MSE A 83 25.29 -7.32 -6.59
O MSE A 83 25.42 -7.26 -6.63
CB MSE A 83 25.03 -7.46 -3.43
CB MSE A 83 24.83 -7.36 -3.44
CG MSE A 83 25.77 -7.83 -2.16
CG MSE A 83 24.78 -8.85 -3.70
SE MSE A 83 27.42 -8.82 -2.53
SE MSE A 83 23.39 -9.66 -2.59
CE MSE A 83 28.75 -7.45 -2.27
CE MSE A 83 24.30 -11.32 -2.11
N GLY A 84 24.43 -5.35 -5.93
CA GLY A 84 23.85 -5.04 -7.22
C GLY A 84 24.78 -4.34 -8.17
N LYS A 85 25.99 -4.02 -7.70
CA LYS A 85 27.00 -3.27 -8.46
C LYS A 85 26.48 -1.90 -8.90
N ARG A 86 25.66 -1.28 -8.05
N ARG A 86 25.65 -1.28 -8.07
CA ARG A 86 25.10 0.04 -8.32
CA ARG A 86 25.11 0.04 -8.33
C ARG A 86 25.97 1.16 -7.76
C ARG A 86 25.98 1.15 -7.79
N VAL A 87 26.94 0.82 -6.92
CA VAL A 87 27.90 1.77 -6.37
C VAL A 87 29.30 1.26 -6.70
N GLN A 88 30.22 2.17 -6.83
CA GLN A 88 31.56 1.77 -7.22
C GLN A 88 32.52 1.91 -6.03
N PRO A 89 33.55 1.09 -5.95
CA PRO A 89 34.53 1.25 -4.87
C PRO A 89 35.29 2.55 -5.06
N ILE A 90 35.78 3.09 -3.96
CA ILE A 90 36.45 4.40 -4.00
C ILE A 90 37.88 4.24 -3.54
N ASN A 91 38.71 5.18 -3.97
CA ASN A 91 40.12 5.30 -3.58
C ASN A 91 40.18 6.27 -2.40
N THR A 92 40.31 5.74 -1.19
CA THR A 92 40.24 6.58 0.00
C THR A 92 41.39 7.57 0.10
N ALA A 93 42.51 7.33 -0.61
CA ALA A 93 43.62 8.27 -0.55
C ALA A 93 43.31 9.57 -1.29
N LEU A 94 42.32 9.57 -2.17
CA LEU A 94 41.83 10.78 -2.81
C LEU A 94 40.94 11.60 -1.89
N ILE A 95 40.72 11.12 -0.67
CA ILE A 95 39.89 11.80 0.31
C ILE A 95 40.78 12.13 1.50
N PRO A 96 41.37 13.33 1.54
CA PRO A 96 42.40 13.60 2.53
C PRO A 96 41.93 13.55 3.96
N ASN A 97 40.63 13.70 4.21
CA ASN A 97 40.11 13.68 5.58
C ASN A 97 39.84 12.27 6.08
N TRP A 98 40.19 11.24 5.29
CA TRP A 98 39.83 9.88 5.64
C TRP A 98 40.43 9.46 6.98
N LYS A 99 41.60 9.98 7.33
N LYS A 99 41.65 9.92 7.26
CA LYS A 99 42.29 9.58 8.57
CA LYS A 99 42.33 9.75 8.54
C LYS A 99 41.61 10.10 9.83
C LYS A 99 41.39 9.91 9.73
N THR A 100 40.62 10.99 9.72
CA THR A 100 39.89 11.47 10.87
C THR A 100 38.63 10.66 11.20
N LEU A 101 38.33 9.62 10.43
CA LEU A 101 37.11 8.84 10.70
C LEU A 101 37.23 8.11 12.02
N ASP A 102 36.12 7.99 12.71
CA ASP A 102 36.01 7.21 13.93
C ASP A 102 36.43 5.76 13.67
N PRO A 103 37.31 5.19 14.48
CA PRO A 103 37.65 3.77 14.30
C PRO A 103 36.43 2.84 14.37
N ARG A 104 35.31 3.25 15.00
CA ARG A 104 34.13 2.40 15.09
C ARG A 104 33.42 2.25 13.74
N VAL A 105 33.65 3.15 12.80
CA VAL A 105 33.01 3.07 11.49
C VAL A 105 33.98 2.88 10.33
N VAL A 106 35.27 3.17 10.49
CA VAL A 106 36.12 3.27 9.30
C VAL A 106 36.21 1.95 8.55
N LYS A 107 36.10 0.82 9.24
CA LYS A 107 36.20 -0.45 8.53
C LYS A 107 34.90 -1.24 8.59
N GLY A 108 33.78 -0.53 8.63
CA GLY A 108 32.50 -1.21 8.85
C GLY A 108 32.13 -2.12 7.71
N ASP A 109 31.65 -3.31 8.06
CA ASP A 109 31.33 -4.29 7.03
C ASP A 109 30.07 -3.93 6.24
N TRP A 110 29.36 -2.88 6.64
CA TRP A 110 28.26 -2.38 5.83
C TRP A 110 28.71 -1.59 4.60
N PHE A 111 30.00 -1.28 4.46
CA PHE A 111 30.47 -0.66 3.22
C PHE A 111 31.89 -1.07 2.87
N ASN A 112 32.51 -1.95 3.62
CA ASN A 112 33.78 -2.57 3.24
C ASN A 112 33.49 -4.01 2.88
N VAL A 113 33.70 -4.38 1.61
CA VAL A 113 33.37 -5.72 1.13
C VAL A 113 34.48 -6.21 0.23
N GLY A 114 35.01 -7.39 0.52
CA GLY A 114 36.05 -7.99 -0.32
C GLY A 114 37.27 -7.12 -0.52
N GLY A 115 37.69 -6.41 0.52
CA GLY A 115 38.88 -5.59 0.39
C GLY A 115 38.68 -4.26 -0.29
N LYS A 116 37.44 -3.89 -0.63
CA LYS A 116 37.16 -2.62 -1.29
C LYS A 116 36.25 -1.77 -0.40
N VAL A 117 36.44 -0.45 -0.52
CA VAL A 117 35.69 0.57 0.22
C VAL A 117 34.65 1.15 -0.72
N TYR A 118 33.37 1.12 -0.33
CA TYR A 118 32.28 1.53 -1.20
C TYR A 118 31.62 2.84 -0.79
N GLY A 119 32.27 3.63 0.05
CA GLY A 119 31.79 4.98 0.27
C GLY A 119 32.42 5.62 1.50
N THR A 120 31.96 6.85 1.77
CA THR A 120 32.47 7.59 2.92
C THR A 120 31.43 7.69 4.02
N PRO A 121 31.70 7.19 5.22
CA PRO A 121 30.73 7.36 6.32
C PRO A 121 30.32 8.82 6.46
N TYR A 122 29.08 9.01 6.93
CA TYR A 122 28.53 10.35 6.96
C TYR A 122 28.01 10.73 8.34
N GLN A 123 27.02 9.99 8.85
CA GLN A 123 26.45 10.17 10.18
C GLN A 123 25.93 8.82 10.65
N TRP A 124 25.63 8.73 11.96
CA TRP A 124 24.92 7.57 12.49
C TRP A 124 24.04 8.02 13.65
N GLY A 125 23.06 7.19 13.99
CA GLY A 125 22.17 7.56 15.06
C GLY A 125 21.07 6.56 15.31
N PRO A 126 20.22 6.88 16.26
CA PRO A 126 19.21 5.91 16.73
C PRO A 126 17.81 6.21 16.27
N ASN A 127 16.97 5.17 16.25
CA ASN A 127 15.53 5.29 16.12
C ASN A 127 14.91 5.35 17.52
N LEU A 128 14.42 6.50 17.91
CA LEU A 128 13.99 6.74 19.27
C LEU A 128 12.47 6.69 19.37
N LEU A 129 11.99 6.61 20.61
CA LEU A 129 10.57 6.73 20.92
C LEU A 129 10.28 8.21 21.12
N MSE A 130 9.54 8.80 20.19
CA MSE A 130 9.13 10.20 20.27
C MSE A 130 7.73 10.30 20.85
O MSE A 130 6.85 9.52 20.46
CB MSE A 130 9.16 10.82 18.89
CG MSE A 130 8.76 12.30 18.85
SE MSE A 130 9.21 13.13 17.12
CE MSE A 130 7.73 12.49 16.04
N TYR A 131 7.48 11.24 21.76
CA TYR A 131 6.23 11.25 22.50
C TYR A 131 5.86 12.66 22.93
N ASN A 132 4.58 12.84 23.25
CA ASN A 132 4.05 14.14 23.67
C ASN A 132 4.24 14.25 25.18
N THR A 133 4.91 15.32 25.62
CA THR A 133 5.24 15.44 27.04
C THR A 133 4.07 15.92 27.89
N LYS A 134 2.95 16.31 27.30
CA LYS A 134 1.75 16.58 28.10
C LYS A 134 0.99 15.29 28.40
N THR A 135 0.96 14.35 27.45
CA THR A 135 0.30 13.07 27.73
C THR A 135 1.14 12.20 28.64
N PHE A 136 2.46 12.26 28.49
CA PHE A 136 3.43 11.54 29.30
C PHE A 136 4.25 12.49 30.17
N PRO A 137 3.67 13.10 31.21
CA PRO A 137 4.48 14.03 32.04
C PRO A 137 5.68 13.36 32.71
N THR A 138 5.60 12.05 32.96
CA THR A 138 6.78 11.24 33.24
C THR A 138 7.16 10.47 31.98
N PRO A 139 8.37 10.60 31.46
CA PRO A 139 8.69 9.96 30.17
C PRO A 139 8.43 8.47 30.22
N PRO A 140 7.88 7.92 29.14
CA PRO A 140 7.70 6.47 29.05
C PRO A 140 9.05 5.77 28.93
N ASP A 141 9.07 4.49 29.30
CA ASP A 141 10.33 3.74 29.26
C ASP A 141 10.22 2.45 28.47
N SER A 142 9.20 2.30 27.63
CA SER A 142 8.98 1.04 26.95
C SER A 142 8.28 1.28 25.63
N TRP A 143 8.71 0.55 24.61
CA TRP A 143 7.98 0.52 23.35
C TRP A 143 6.57 -0.05 23.49
N GLN A 144 6.22 -0.67 24.63
CA GLN A 144 4.85 -1.19 24.72
C GLN A 144 3.79 -0.13 24.46
N VAL A 145 4.09 1.17 24.66
CA VAL A 145 3.07 2.19 24.42
C VAL A 145 2.70 2.32 22.96
N VAL A 146 3.56 1.87 22.02
CA VAL A 146 3.17 1.88 20.62
C VAL A 146 2.74 0.50 20.11
N PHE A 147 2.96 -0.58 20.87
CA PHE A 147 2.65 -1.94 20.43
C PHE A 147 1.38 -2.53 21.05
N VAL A 148 1.09 -2.24 22.31
CA VAL A 148 0.04 -2.94 23.06
C VAL A 148 -1.05 -1.96 23.48
N GLU A 149 -2.29 -2.28 23.13
CA GLU A 149 -3.44 -1.44 23.47
C GLU A 149 -3.52 -1.21 24.98
N GLN A 150 -3.50 0.06 25.39
CA GLN A 150 -3.52 0.38 26.81
C GLN A 150 -3.93 1.84 27.00
N ASN A 151 -4.34 2.16 28.23
CA ASN A 151 -4.64 3.54 28.57
C ASN A 151 -3.35 4.29 28.88
N LEU A 152 -3.18 5.45 28.30
CA LEU A 152 -1.99 6.25 28.52
C LEU A 152 -2.19 7.12 29.75
N PRO A 153 -1.12 7.76 30.26
CA PRO A 153 -1.24 8.52 31.51
C PRO A 153 -2.34 9.58 31.53
N ASP A 154 -2.92 9.94 30.38
CA ASP A 154 -4.00 10.93 30.37
C ASP A 154 -5.38 10.30 30.42
N GLY A 155 -5.46 8.99 30.66
CA GLY A 155 -6.73 8.32 30.80
C GLY A 155 -7.30 7.69 29.55
N LYS A 156 -6.78 8.03 28.37
CA LYS A 156 -7.39 7.60 27.12
C LYS A 156 -6.53 6.53 26.45
N SER A 157 -7.18 5.70 25.63
CA SER A 157 -6.47 4.59 25.03
C SER A 157 -5.42 5.10 24.05
N ASN A 158 -4.42 4.27 23.78
CA ASN A 158 -3.45 4.63 22.75
C ASN A 158 -3.94 4.30 21.34
N LYS A 159 -5.08 3.62 21.22
CA LYS A 159 -5.55 3.19 19.91
C LYS A 159 -5.84 4.41 19.06
N GLY A 160 -5.28 4.42 17.85
CA GLY A 160 -5.42 5.55 16.95
C GLY A 160 -4.56 6.74 17.29
N ARG A 161 -3.71 6.67 18.31
CA ARG A 161 -2.90 7.82 18.69
C ARG A 161 -1.41 7.50 18.62
N VAL A 162 -1.05 6.42 17.95
CA VAL A 162 0.34 6.01 17.78
C VAL A 162 0.58 5.74 16.30
N GLN A 163 1.86 5.80 15.90
CA GLN A 163 2.23 5.49 14.53
C GLN A 163 3.34 4.46 14.51
N ALA A 164 3.64 3.92 13.34
CA ALA A 164 4.79 3.05 13.12
C ALA A 164 5.39 3.40 11.78
N TYR A 165 6.66 3.11 11.61
CA TYR A 165 7.38 3.45 10.38
C TYR A 165 6.90 2.58 9.22
N ASP A 166 6.79 3.17 8.01
CA ASP A 166 6.21 2.40 6.93
C ASP A 166 7.23 1.59 6.13
N GLY A 167 8.53 1.70 6.47
CA GLY A 167 9.54 0.80 5.91
C GLY A 167 9.52 -0.58 6.55
N PRO A 168 9.63 -1.64 5.75
CA PRO A 168 9.59 -3.02 6.31
C PRO A 168 10.70 -3.29 7.30
N ILE A 169 11.75 -2.48 7.30
CA ILE A 169 12.79 -2.64 8.30
C ILE A 169 12.22 -2.45 9.69
N TYR A 170 11.01 -1.85 9.82
CA TYR A 170 10.39 -1.70 11.14
C TYR A 170 10.21 -3.05 11.84
N ILE A 171 10.15 -4.15 11.09
CA ILE A 171 10.02 -5.48 11.71
C ILE A 171 11.13 -5.69 12.77
N ALA A 172 12.32 -5.17 12.50
CA ALA A 172 13.42 -5.27 13.45
C ALA A 172 13.10 -4.58 14.77
N ASP A 173 12.41 -3.43 14.73
CA ASP A 173 11.93 -2.79 15.95
C ASP A 173 10.99 -3.71 16.71
N ALA A 174 10.04 -4.32 16.01
CA ALA A 174 9.12 -5.20 16.69
C ALA A 174 9.85 -6.44 17.18
N ALA A 175 10.90 -6.87 16.46
CA ALA A 175 11.71 -7.99 16.94
C ALA A 175 12.37 -7.67 18.29
N LEU A 176 12.86 -6.43 18.46
CA LEU A 176 13.45 -6.06 19.75
C LEU A 176 12.38 -6.06 20.85
N PHE A 177 11.18 -5.57 20.54
CA PHE A 177 10.10 -5.64 21.54
C PHE A 177 9.81 -7.09 21.94
N VAL A 178 9.69 -7.97 20.94
CA VAL A 178 9.41 -9.38 21.22
C VAL A 178 10.55 -10.03 21.98
N LYS A 179 11.79 -9.69 21.62
CA LYS A 179 12.96 -10.23 22.30
C LYS A 179 12.87 -9.95 23.80
N ALA A 180 12.42 -8.75 24.16
CA ALA A 180 12.33 -8.34 25.55
C ALA A 180 11.12 -8.95 26.27
N THR A 181 9.98 -9.06 25.59
CA THR A 181 8.75 -9.53 26.23
C THR A 181 8.53 -11.03 26.11
N GLN A 182 9.14 -11.69 25.12
CA GLN A 182 9.12 -13.15 25.00
C GLN A 182 10.54 -13.67 24.84
N PRO A 183 11.38 -13.50 25.86
CA PRO A 183 12.78 -13.90 25.71
C PRO A 183 12.95 -15.38 25.42
N GLN A 184 11.95 -16.19 25.73
CA GLN A 184 12.01 -17.64 25.49
C GLN A 184 12.15 -18.00 24.01
N LEU A 185 11.83 -17.07 23.10
CA LEU A 185 11.91 -17.36 21.67
C LEU A 185 13.34 -17.39 21.16
N GLY A 186 14.29 -16.84 21.90
CA GLY A 186 15.67 -16.95 21.52
C GLY A 186 16.16 -15.88 20.57
N ILE A 187 15.40 -14.80 20.38
CA ILE A 187 15.84 -13.75 19.46
C ILE A 187 17.11 -13.09 20.00
N SER A 188 18.12 -12.95 19.13
CA SER A 188 19.32 -12.21 19.48
C SER A 188 19.51 -11.07 18.49
N ASP A 189 19.96 -11.41 17.29
CA ASP A 189 20.06 -10.44 16.22
C ASP A 189 18.66 -10.19 15.64
N PRO A 190 18.09 -8.99 15.78
CA PRO A 190 16.69 -8.79 15.33
C PRO A 190 16.53 -8.80 13.83
N TYR A 191 17.62 -8.82 13.05
CA TYR A 191 17.53 -8.88 11.60
C TYR A 191 17.63 -10.30 11.07
N GLN A 192 18.00 -11.26 11.91
CA GLN A 192 18.18 -12.64 11.49
C GLN A 192 17.26 -13.49 12.35
N LEU A 193 16.04 -13.71 11.84
CA LEU A 193 14.98 -14.35 12.60
C LEU A 193 14.70 -15.73 12.01
N THR A 194 14.61 -16.74 12.87
CA THR A 194 14.09 -18.01 12.39
C THR A 194 12.61 -17.86 12.04
N GLU A 195 12.07 -18.89 11.38
CA GLU A 195 10.66 -18.86 11.01
C GLU A 195 9.78 -18.65 12.23
N GLU A 196 10.02 -19.41 13.29
CA GLU A 196 9.18 -19.30 14.49
C GLU A 196 9.28 -17.93 15.13
N GLN A 197 10.51 -17.40 15.27
CA GLN A 197 10.68 -16.04 15.79
C GLN A 197 9.97 -15.01 14.90
N TYR A 198 10.21 -15.10 13.60
CA TYR A 198 9.59 -14.19 12.65
C TYR A 198 8.07 -14.18 12.80
N GLN A 199 7.45 -15.38 12.86
CA GLN A 199 6.00 -15.41 12.93
C GLN A 199 5.51 -14.79 14.22
N ALA A 200 6.28 -14.91 15.32
CA ALA A 200 5.90 -14.25 16.57
C ALA A 200 5.95 -12.74 16.42
N VAL A 201 6.91 -12.24 15.67
CA VAL A 201 7.01 -10.80 15.45
C VAL A 201 5.85 -10.32 14.57
N LEU A 202 5.49 -11.10 13.54
CA LEU A 202 4.38 -10.67 12.68
C LEU A 202 3.08 -10.61 13.48
N LYS A 203 2.86 -11.57 14.38
CA LYS A 203 1.65 -11.56 15.20
C LYS A 203 1.57 -10.28 16.05
N VAL A 204 2.68 -9.88 16.67
CA VAL A 204 2.73 -8.61 17.41
C VAL A 204 2.42 -7.42 16.51
N LEU A 205 2.93 -7.43 15.27
CA LEU A 205 2.69 -6.34 14.34
C LEU A 205 1.24 -6.31 13.86
N ARG A 206 0.62 -7.48 13.74
N ARG A 206 0.62 -7.49 13.72
CA ARG A 206 -0.80 -7.52 13.42
CA ARG A 206 -0.81 -7.55 13.42
C ARG A 206 -1.63 -6.94 14.55
C ARG A 206 -1.62 -6.94 14.55
N ALA A 207 -1.23 -7.21 15.80
CA ALA A 207 -1.91 -6.60 16.94
C ALA A 207 -1.66 -5.09 17.01
N GLN A 208 -0.45 -4.65 16.68
CA GLN A 208 -0.15 -3.22 16.68
C GLN A 208 -1.00 -2.47 15.67
N HIS A 209 -1.37 -3.16 14.59
CA HIS A 209 -2.02 -2.53 13.45
C HIS A 209 -3.34 -1.88 13.86
N SER A 210 -4.08 -2.51 14.76
N SER A 210 -4.07 -2.52 14.77
CA SER A 210 -5.35 -1.93 15.19
CA SER A 210 -5.35 -1.93 15.21
C SER A 210 -5.16 -0.61 15.95
C SER A 210 -5.14 -0.58 15.88
N LEU A 211 -3.95 -0.34 16.44
CA LEU A 211 -3.65 0.93 17.11
C LEU A 211 -3.18 2.02 16.16
N ILE A 212 -2.74 1.67 14.96
CA ILE A 212 -1.93 2.59 14.15
C ILE A 212 -2.81 3.66 13.53
N HIS A 213 -2.47 4.92 13.82
CA HIS A 213 -3.13 6.04 13.17
C HIS A 213 -2.68 6.19 11.71
N ARG A 214 -1.40 6.02 11.45
CA ARG A 214 -0.83 6.15 10.11
C ARG A 214 0.51 5.47 10.17
N TYR A 215 0.91 4.85 9.06
CA TYR A 215 2.27 4.33 8.98
C TYR A 215 3.10 5.45 8.36
N TRP A 216 4.07 5.98 9.10
CA TRP A 216 4.67 7.25 8.67
C TRP A 216 5.84 7.04 7.71
N HIS A 217 6.07 8.05 6.88
CA HIS A 217 7.06 8.01 5.83
C HIS A 217 7.65 9.41 5.70
N ASP A 218 6.84 10.34 5.18
CA ASP A 218 7.25 11.74 5.08
C ASP A 218 7.38 12.36 6.49
N THR A 219 8.51 13.02 6.77
CA THR A 219 8.69 13.56 8.11
C THR A 219 7.74 14.73 8.39
N THR A 220 7.41 15.52 7.38
CA THR A 220 6.52 16.65 7.61
C THR A 220 5.10 16.17 7.92
N VAL A 221 4.68 15.09 7.24
CA VAL A 221 3.37 14.51 7.53
C VAL A 221 3.35 13.94 8.95
N GLN A 222 4.43 13.23 9.36
CA GLN A 222 4.47 12.71 10.72
C GLN A 222 4.40 13.85 11.75
N MSE A 223 5.10 14.94 11.51
CA MSE A 223 5.04 16.10 12.38
C MSE A 223 3.63 16.71 12.46
O MSE A 223 3.21 17.10 13.54
CB MSE A 223 6.05 17.15 11.93
CG MSE A 223 7.48 16.72 12.21
SE MSE A 223 8.67 17.97 11.37
CE MSE A 223 7.95 19.63 12.13
N SER A 224 2.92 16.76 11.33
CA SER A 224 1.55 17.29 11.34
C SER A 224 0.62 16.43 12.18
N ASP A 225 0.82 15.11 12.19
CA ASP A 225 -0.01 14.24 13.01
C ASP A 225 0.21 14.51 14.50
N PHE A 226 1.46 14.76 14.91
CA PHE A 226 1.75 15.10 16.31
C PHE A 226 1.16 16.45 16.71
N LYS A 227 1.03 17.38 15.76
CA LYS A 227 0.46 18.69 16.01
C LYS A 227 -1.05 18.72 15.84
N ASN A 228 -1.58 18.01 14.86
CA ASN A 228 -2.94 18.28 14.41
C ASN A 228 -3.86 17.09 14.39
N GLU A 229 -3.36 15.87 14.59
CA GLU A 229 -4.19 14.66 14.52
C GLU A 229 -4.13 13.84 15.80
N GLY A 230 -3.65 14.41 16.91
CA GLY A 230 -3.75 13.77 18.21
C GLY A 230 -2.75 12.68 18.50
N VAL A 231 -1.77 12.45 17.61
CA VAL A 231 -0.80 11.39 17.79
C VAL A 231 0.18 11.77 18.89
N VAL A 232 0.42 10.85 19.83
CA VAL A 232 1.17 11.19 21.02
C VAL A 232 2.40 10.31 21.22
N ALA A 233 2.62 9.28 20.40
CA ALA A 233 3.76 8.39 20.54
C ALA A 233 4.07 7.69 19.22
N SER A 234 5.36 7.58 18.89
CA SER A 234 5.78 6.93 17.65
C SER A 234 7.29 6.78 17.64
N SER A 235 7.78 5.71 17.00
CA SER A 235 9.20 5.72 16.64
C SER A 235 9.48 6.90 15.71
N ALA A 236 10.69 7.44 15.78
CA ALA A 236 11.05 8.57 14.94
C ALA A 236 12.56 8.67 14.86
N TRP A 237 13.03 9.50 13.94
CA TRP A 237 14.41 9.94 13.98
C TRP A 237 14.52 11.17 14.87
N PRO A 238 15.71 11.46 15.42
CA PRO A 238 15.88 12.68 16.23
C PRO A 238 15.56 13.95 15.46
N TYR A 239 15.67 13.89 14.13
CA TYR A 239 15.45 15.07 13.30
C TYR A 239 14.05 15.64 13.52
N GLN A 240 13.02 14.79 13.35
CA GLN A 240 11.62 15.16 13.59
C GLN A 240 11.40 15.70 14.98
N ALA A 241 12.01 15.07 15.98
CA ALA A 241 11.92 15.57 17.35
C ALA A 241 12.51 16.97 17.45
N ASN A 242 13.70 17.16 16.90
CA ASN A 242 14.31 18.50 16.86
C ASN A 242 13.38 19.53 16.23
N ALA A 243 12.76 19.17 15.10
CA ALA A 243 11.95 20.13 14.35
C ALA A 243 10.68 20.49 15.11
N LEU A 244 10.03 19.49 15.72
CA LEU A 244 8.84 19.79 16.53
C LEU A 244 9.21 20.65 17.73
N LYS A 245 10.31 20.31 18.41
CA LYS A 245 10.79 21.10 19.52
C LYS A 245 11.00 22.55 19.12
N ALA A 246 11.70 22.77 17.99
CA ALA A 246 12.00 24.14 17.57
C ALA A 246 10.75 24.92 17.21
N GLU A 247 9.63 24.26 16.98
CA GLU A 247 8.35 24.89 16.72
C GLU A 247 7.52 25.12 17.99
N GLY A 248 8.06 24.83 19.18
CA GLY A 248 7.28 24.98 20.38
C GLY A 248 6.32 23.85 20.69
N GLN A 249 6.46 22.69 20.03
CA GLN A 249 5.58 21.58 20.34
C GLN A 249 6.10 20.81 21.56
N PRO A 250 5.20 20.28 22.39
CA PRO A 250 5.59 19.57 23.62
C PRO A 250 6.03 18.13 23.35
N VAL A 251 7.23 17.96 22.79
CA VAL A 251 7.67 16.66 22.28
C VAL A 251 9.07 16.37 22.77
N ALA A 252 9.33 15.10 23.08
CA ALA A 252 10.64 14.65 23.53
C ALA A 252 10.84 13.21 23.07
N THR A 253 12.00 12.67 23.35
CA THR A 253 12.39 11.34 22.90
C THR A 253 13.01 10.59 24.08
N VAL A 254 12.91 9.27 24.03
CA VAL A 254 13.56 8.42 25.04
C VAL A 254 14.16 7.20 24.34
N PHE A 255 15.17 6.61 25.00
CA PHE A 255 15.71 5.31 24.59
C PHE A 255 14.98 4.23 25.40
N PRO A 256 14.05 3.48 24.83
CA PRO A 256 13.21 2.61 25.66
C PRO A 256 13.97 1.38 26.15
N LYS A 257 13.36 0.73 27.15
CA LYS A 257 14.05 -0.32 27.89
C LYS A 257 14.38 -1.52 27.02
N GLU A 258 13.59 -1.76 25.96
CA GLU A 258 13.90 -2.86 25.06
C GLU A 258 15.03 -2.56 24.09
N GLY A 259 15.58 -1.36 24.11
CA GLY A 259 16.63 -0.97 23.18
C GLY A 259 16.05 -0.36 21.92
N VAL A 260 16.95 0.02 21.01
CA VAL A 260 16.55 0.66 19.76
C VAL A 260 17.32 0.10 18.57
N THR A 261 16.71 0.23 17.40
CA THR A 261 17.46 0.13 16.17
C THR A 261 18.08 1.49 15.86
N GLY A 262 18.71 1.58 14.70
CA GLY A 262 19.36 2.80 14.29
C GLY A 262 20.00 2.54 12.95
N TRP A 263 20.88 3.45 12.54
CA TRP A 263 21.41 3.45 11.19
C TRP A 263 22.79 4.08 11.20
N ALA A 264 23.70 3.52 10.38
CA ALA A 264 24.99 4.12 10.04
C ALA A 264 24.98 4.37 8.54
N ASP A 265 25.15 5.63 8.15
CA ASP A 265 24.94 6.06 6.77
C ASP A 265 26.26 6.32 6.07
N THR A 266 26.31 5.97 4.80
CA THR A 266 27.53 6.06 4.00
C THR A 266 27.18 6.80 2.71
N THR A 267 27.96 7.84 2.40
CA THR A 267 27.85 8.50 1.11
C THR A 267 28.53 7.62 0.06
N MSE A 268 27.76 7.14 -0.89
CA MSE A 268 28.24 6.16 -1.85
C MSE A 268 28.11 6.66 -3.28
O MSE A 268 27.11 7.29 -3.64
CB MSE A 268 27.48 4.85 -1.71
CG MSE A 268 27.38 4.33 -0.29
SE MSE A 268 26.36 2.68 -0.19
CE MSE A 268 27.84 1.42 -0.36
N LEU A 269 29.09 6.30 -4.10
CA LEU A 269 29.21 6.82 -5.47
C LEU A 269 28.56 5.85 -6.45
N HIS A 270 27.59 6.34 -7.21
CA HIS A 270 26.93 5.52 -8.22
C HIS A 270 27.96 5.00 -9.22
N SER A 271 27.73 3.77 -9.71
N SER A 271 27.73 3.78 -9.71
CA SER A 271 28.69 3.16 -10.64
CA SER A 271 28.68 3.15 -10.62
C SER A 271 28.77 3.91 -11.95
C SER A 271 28.74 3.83 -11.98
N GLU A 272 27.68 4.56 -12.38
CA GLU A 272 27.66 5.28 -13.65
C GLU A 272 27.76 6.80 -13.47
N ALA A 273 28.31 7.26 -12.35
CA ALA A 273 28.18 8.66 -11.97
C ALA A 273 28.80 9.59 -13.02
N LYS A 274 28.06 10.66 -13.32
CA LYS A 274 28.46 11.64 -14.32
C LYS A 274 29.46 12.64 -13.77
N HIS A 275 29.39 12.94 -12.48
CA HIS A 275 30.21 13.99 -11.89
C HIS A 275 31.06 13.42 -10.76
N PRO A 276 31.96 12.47 -11.06
CA PRO A 276 32.72 11.83 -9.99
C PRO A 276 33.66 12.78 -9.30
N VAL A 277 34.17 13.79 -9.99
CA VAL A 277 35.14 14.68 -9.37
C VAL A 277 34.45 15.54 -8.31
N CYS A 278 33.30 16.14 -8.66
CA CYS A 278 32.47 16.80 -7.67
C CYS A 278 32.08 15.87 -6.52
N ALA A 279 31.76 14.61 -6.86
CA ALA A 279 31.36 13.66 -5.82
C ALA A 279 32.48 13.42 -4.80
N TYR A 280 33.70 13.19 -5.30
CA TYR A 280 34.82 13.00 -4.38
C TYR A 280 35.07 14.25 -3.56
N LYS A 281 34.91 15.42 -4.18
CA LYS A 281 35.04 16.68 -3.43
C LYS A 281 33.98 16.77 -2.34
N TRP A 282 32.75 16.35 -2.65
CA TRP A 282 31.69 16.35 -1.64
C TRP A 282 32.02 15.40 -0.49
N MSE A 283 32.42 14.18 -0.80
CA MSE A 283 32.76 13.21 0.23
C MSE A 283 33.83 13.72 1.17
O MSE A 283 33.68 13.60 2.40
CB MSE A 283 33.15 11.88 -0.43
CG MSE A 283 31.91 11.11 -0.89
SE MSE A 283 32.30 9.32 -1.65
CE MSE A 283 33.54 9.87 -3.04
N ASN A 284 34.89 14.35 0.64
CA ASN A 284 35.92 14.92 1.51
C ASN A 284 35.39 16.10 2.30
N TRP A 285 34.62 16.98 1.65
CA TRP A 285 34.00 18.11 2.33
C TRP A 285 33.08 17.66 3.46
N SER A 286 32.38 16.55 3.28
CA SER A 286 31.40 16.14 4.28
C SER A 286 32.05 15.71 5.60
N LEU A 287 33.33 15.35 5.58
CA LEU A 287 34.10 14.95 6.74
C LEU A 287 34.74 16.14 7.45
N THR A 288 34.64 17.35 6.93
CA THR A 288 35.27 18.44 7.64
C THR A 288 34.58 18.61 8.99
N PRO A 289 35.33 18.92 10.06
CA PRO A 289 34.73 18.82 11.40
C PRO A 289 33.53 19.72 11.63
N LYS A 290 33.54 20.98 11.15
CA LYS A 290 32.37 21.83 11.35
C LYS A 290 31.13 21.29 10.63
N VAL A 291 31.29 20.79 9.40
CA VAL A 291 30.15 20.19 8.70
C VAL A 291 29.60 19.02 9.51
N GLN A 292 30.49 18.13 9.95
CA GLN A 292 30.10 16.95 10.70
C GLN A 292 29.32 17.32 11.96
N GLY A 293 29.80 18.32 12.70
CA GLY A 293 29.07 18.73 13.89
C GLY A 293 27.75 19.41 13.57
N ASP A 294 27.73 20.25 12.53
CA ASP A 294 26.52 20.98 12.18
C ASP A 294 25.40 20.03 11.77
N VAL A 295 25.74 19.02 10.94
CA VAL A 295 24.75 18.01 10.55
C VAL A 295 24.25 17.24 11.77
N ALA A 296 25.18 16.87 12.67
CA ALA A 296 24.76 16.17 13.88
C ALA A 296 23.84 17.04 14.73
N ALA A 297 24.13 18.34 14.78
CA ALA A 297 23.27 19.24 15.53
C ALA A 297 21.89 19.29 14.92
N TRP A 298 21.82 19.44 13.60
CA TRP A 298 20.55 19.63 12.91
C TRP A 298 19.70 18.37 13.00
N PHE A 299 20.28 17.23 12.60
CA PHE A 299 19.53 15.98 12.54
C PHE A 299 19.42 15.30 13.88
N GLY A 300 20.29 15.62 14.82
CA GLY A 300 20.28 14.87 16.05
C GLY A 300 21.04 13.58 15.95
N SER A 301 21.75 13.36 14.84
CA SER A 301 22.62 12.21 14.66
C SER A 301 23.95 12.46 15.34
N LEU A 302 24.92 11.59 15.04
CA LEU A 302 26.26 11.60 15.57
C LEU A 302 27.24 11.68 14.41
N PRO A 303 28.31 12.46 14.53
CA PRO A 303 29.30 12.53 13.47
C PRO A 303 30.16 11.28 13.43
N VAL A 304 30.58 10.96 12.21
CA VAL A 304 31.54 9.89 11.99
C VAL A 304 32.97 10.39 12.11
N VAL A 305 33.18 11.69 12.27
CA VAL A 305 34.48 12.30 12.56
C VAL A 305 34.43 12.80 14.00
N PRO A 306 35.13 12.17 14.93
CA PRO A 306 35.01 12.55 16.35
C PRO A 306 35.39 13.99 16.63
N GLU A 307 36.29 14.58 15.85
CA GLU A 307 36.55 16.02 15.95
C GLU A 307 35.28 16.84 15.76
N GLY A 308 34.32 16.35 14.97
CA GLY A 308 33.08 17.09 14.80
C GLY A 308 32.34 17.37 16.11
N CYS A 309 32.58 16.56 17.15
CA CYS A 309 31.92 16.77 18.45
C CYS A 309 32.30 18.09 19.11
N LYS A 310 33.39 18.73 18.70
CA LYS A 310 33.80 19.97 19.32
C LYS A 310 33.93 21.12 18.32
N ALA A 311 33.54 20.91 17.06
CA ALA A 311 33.77 21.91 16.02
C ALA A 311 32.52 22.70 15.66
N SER A 312 31.42 22.51 16.37
CA SER A 312 30.16 23.15 16.02
C SER A 312 29.48 23.72 17.26
N PRO A 313 29.37 25.06 17.41
CA PRO A 313 28.61 25.59 18.56
C PRO A 313 27.14 25.23 18.50
N LEU A 314 26.57 25.09 17.29
CA LEU A 314 25.20 24.61 17.15
C LEU A 314 25.00 23.26 17.85
N LEU A 315 25.96 22.34 17.69
CA LEU A 315 25.89 21.05 18.38
C LEU A 315 26.10 21.23 19.87
N GLY A 316 26.99 22.15 20.24
CA GLY A 316 27.29 22.44 21.62
C GLY A 316 28.30 21.46 22.20
N GLU A 317 28.80 21.85 23.38
CA GLU A 317 29.78 21.04 24.10
C GLU A 317 29.24 19.64 24.41
N LYS A 318 27.97 19.56 24.77
CA LYS A 318 27.43 18.30 25.27
C LYS A 318 26.59 17.57 24.24
N GLY A 319 26.55 18.07 22.99
CA GLY A 319 25.64 17.51 22.00
C GLY A 319 25.97 16.07 21.61
N CYS A 320 27.24 15.76 21.39
CA CYS A 320 27.58 14.38 21.07
C CYS A 320 27.14 13.42 22.18
N GLU A 321 27.42 13.76 23.43
CA GLU A 321 26.99 12.90 24.54
C GLU A 321 25.47 12.76 24.57
N THR A 322 24.77 13.90 24.50
CA THR A 322 23.32 13.89 24.56
C THR A 322 22.71 13.13 23.39
N ASN A 323 23.26 13.30 22.19
CA ASN A 323 22.73 12.59 21.05
C ASN A 323 23.02 11.09 21.10
N GLY A 324 23.99 10.68 21.91
CA GLY A 324 24.28 9.26 22.13
C GLY A 324 25.59 8.73 21.55
N PHE A 325 26.64 9.55 21.57
CA PHE A 325 27.92 9.17 20.98
C PHE A 325 28.48 7.90 21.63
N ASN A 326 28.21 7.70 22.92
CA ASN A 326 28.69 6.51 23.62
C ASN A 326 27.71 5.34 23.53
N TYR A 327 26.60 5.50 22.85
CA TYR A 327 25.61 4.44 22.78
C TYR A 327 25.81 3.55 21.55
N PHE A 328 26.88 3.81 20.79
CA PHE A 328 27.10 3.14 19.50
C PHE A 328 26.93 1.62 19.61
N ASP A 329 27.61 1.00 20.57
CA ASP A 329 27.59 -0.45 20.68
C ASP A 329 26.25 -1.02 21.14
N LYS A 330 25.29 -0.19 21.55
CA LYS A 330 24.00 -0.68 21.99
C LYS A 330 22.94 -0.64 20.88
N ILE A 331 23.23 0.01 19.76
CA ILE A 331 22.22 0.16 18.69
C ILE A 331 22.20 -1.08 17.80
N ALA A 332 20.99 -1.54 17.42
CA ALA A 332 20.84 -2.60 16.43
C ALA A 332 20.74 -1.95 15.06
N PHE A 333 21.90 -1.70 14.43
CA PHE A 333 21.94 -0.92 13.20
C PHE A 333 21.21 -1.62 12.08
N TRP A 334 20.55 -0.83 11.23
CA TRP A 334 19.83 -1.39 10.08
C TRP A 334 20.80 -2.17 9.19
N LYS A 335 20.34 -3.33 8.72
CA LYS A 335 21.03 -4.14 7.73
C LYS A 335 19.97 -5.01 7.08
N THR A 336 20.29 -5.54 5.92
CA THR A 336 19.33 -6.33 5.16
C THR A 336 19.28 -7.77 5.68
N PRO A 337 18.13 -8.24 6.17
CA PRO A 337 17.96 -9.65 6.52
C PRO A 337 18.29 -10.58 5.35
N ILE A 338 19.11 -11.59 5.60
CA ILE A 338 19.48 -12.55 4.56
C ILE A 338 19.17 -13.96 5.04
N ALA A 339 18.88 -14.83 4.06
CA ALA A 339 18.40 -16.17 4.38
C ALA A 339 19.51 -17.05 4.97
N GLU A 340 20.76 -16.85 4.56
CA GLU A 340 21.87 -17.67 5.02
C GLU A 340 21.59 -19.16 4.83
N GLY A 341 21.14 -19.50 3.62
CA GLY A 341 20.90 -20.88 3.26
C GLY A 341 19.61 -21.48 3.78
N GLY A 342 18.64 -20.65 4.14
CA GLY A 342 17.40 -21.15 4.71
C GLY A 342 17.32 -21.07 6.21
N LYS A 343 18.38 -20.63 6.89
CA LYS A 343 18.36 -20.57 8.34
C LYS A 343 17.48 -19.43 8.87
N PHE A 344 17.34 -18.34 8.12
CA PHE A 344 16.62 -17.16 8.57
C PHE A 344 15.72 -16.63 7.47
N VAL A 345 14.80 -15.76 7.86
CA VAL A 345 13.79 -15.22 6.95
C VAL A 345 14.38 -14.05 6.17
N PRO A 346 14.40 -14.09 4.84
CA PRO A 346 15.01 -13.00 4.06
C PRO A 346 14.14 -11.76 3.91
N TYR A 347 14.80 -10.65 3.55
CA TYR A 347 14.11 -9.36 3.50
C TYR A 347 12.97 -9.36 2.48
N SER A 348 13.05 -10.20 1.43
CA SER A 348 11.92 -10.26 0.49
C SER A 348 10.62 -10.62 1.21
N ARG A 349 10.67 -11.53 2.17
CA ARG A 349 9.47 -11.88 2.92
C ARG A 349 9.07 -10.78 3.90
N TRP A 350 10.05 -10.15 4.55
CA TRP A 350 9.75 -8.96 5.35
C TRP A 350 8.90 -7.96 4.57
N THR A 351 9.33 -7.65 3.34
N THR A 351 9.32 -7.65 3.33
CA THR A 351 8.62 -6.68 2.51
CA THR A 351 8.59 -6.67 2.54
C THR A 351 7.20 -7.14 2.23
C THR A 351 7.18 -7.13 2.22
N GLN A 352 7.04 -8.37 1.73
CA GLN A 352 5.71 -8.91 1.44
C GLN A 352 4.83 -8.85 2.67
N ASP A 353 5.32 -9.40 3.79
CA ASP A 353 4.48 -9.56 4.97
C ASP A 353 4.14 -8.21 5.60
N TYR A 354 5.11 -7.29 5.64
CA TYR A 354 4.83 -5.98 6.23
C TYR A 354 3.82 -5.19 5.40
N ILE A 355 3.96 -5.22 4.08
CA ILE A 355 2.94 -4.62 3.22
C ILE A 355 1.55 -5.19 3.53
N ALA A 356 1.47 -6.51 3.72
CA ALA A 356 0.16 -7.09 3.99
C ALA A 356 -0.38 -6.65 5.36
N ILE A 357 0.48 -6.58 6.37
CA ILE A 357 0.00 -6.18 7.69
C ILE A 357 -0.50 -4.73 7.67
N MSE A 358 0.27 -3.84 7.04
CA MSE A 358 -0.14 -2.43 6.94
C MSE A 358 -1.52 -2.26 6.31
O MSE A 358 -2.24 -1.30 6.62
CB MSE A 358 0.90 -1.64 6.13
CG MSE A 358 2.19 -1.44 6.91
SE MSE A 358 3.25 0.01 6.19
CE MSE A 358 4.03 -0.82 4.62
N GLY A 359 -1.88 -3.18 5.42
CA GLY A 359 -3.19 -3.13 4.80
C GLY A 359 -4.31 -3.81 5.54
N GLY A 360 -4.06 -4.31 6.76
CA GLY A 360 -5.07 -5.08 7.47
C GLY A 360 -5.27 -6.45 6.89
N ARG A 361 -4.30 -6.94 6.13
CA ARG A 361 -4.49 -8.12 5.31
C ARG A 361 -3.81 -9.35 5.91
N ASP B 10 11.67 -16.82 -10.36
CA ASP B 10 12.82 -15.94 -10.54
C ASP B 10 13.27 -15.89 -12.01
N LYS B 11 12.79 -16.85 -12.82
CA LYS B 11 13.14 -16.87 -14.23
C LYS B 11 12.49 -15.69 -14.96
N PRO B 12 13.10 -15.22 -16.04
CA PRO B 12 12.66 -13.95 -16.64
C PRO B 12 11.30 -14.11 -17.32
N GLU B 13 10.42 -13.11 -17.09
CA GLU B 13 9.07 -13.17 -17.63
C GLU B 13 8.47 -14.55 -17.42
N GLY B 14 8.69 -15.11 -16.23
CA GLY B 14 8.20 -16.42 -15.90
C GLY B 14 7.01 -16.49 -14.97
N ARG B 15 6.45 -15.34 -14.59
CA ARG B 15 5.28 -15.36 -13.74
C ARG B 15 4.49 -14.10 -14.03
N LEU B 16 3.28 -14.10 -13.49
CA LEU B 16 2.31 -13.05 -13.72
C LEU B 16 1.49 -12.99 -12.45
N ASP B 17 1.61 -11.87 -11.74
CA ASP B 17 0.91 -11.64 -10.48
C ASP B 17 -0.29 -10.74 -10.76
N ILE B 18 -1.49 -11.29 -10.56
CA ILE B 18 -2.75 -10.64 -10.90
C ILE B 18 -3.57 -10.45 -9.65
N ILE B 19 -4.11 -9.24 -9.45
CA ILE B 19 -5.18 -8.99 -8.48
C ILE B 19 -6.52 -9.14 -9.19
N ALA B 20 -7.44 -9.95 -8.64
CA ALA B 20 -8.66 -10.25 -9.38
C ALA B 20 -9.85 -10.43 -8.43
N TRP B 21 -11.06 -10.17 -8.94
CA TRP B 21 -12.25 -10.49 -8.19
C TRP B 21 -12.33 -12.00 -8.00
N PRO B 22 -12.95 -12.47 -6.94
CA PRO B 22 -13.07 -13.93 -6.75
C PRO B 22 -13.74 -14.58 -7.94
N GLY B 23 -13.18 -15.71 -8.39
CA GLY B 23 -13.74 -16.44 -9.52
C GLY B 23 -13.34 -15.94 -10.90
N TYR B 24 -12.64 -14.82 -11.01
CA TYR B 24 -12.33 -14.27 -12.31
C TYR B 24 -11.21 -15.03 -13.02
N ILE B 25 -10.39 -15.76 -12.27
CA ILE B 25 -9.21 -16.44 -12.84
C ILE B 25 -9.30 -17.86 -12.34
N GLU B 26 -9.74 -18.76 -13.17
CA GLU B 26 -9.89 -20.15 -12.80
C GLU B 26 -8.87 -20.98 -13.56
N ARG B 27 -8.31 -21.97 -12.87
CA ARG B 27 -7.31 -22.86 -13.46
C ARG B 27 -7.78 -24.30 -13.45
N GLY B 28 -9.09 -24.52 -13.32
CA GLY B 28 -9.64 -25.86 -13.28
C GLY B 28 -9.52 -26.56 -11.95
N GLN B 29 -9.21 -25.83 -10.89
CA GLN B 29 -9.07 -26.43 -9.56
C GLN B 29 -10.36 -26.40 -8.75
N THR B 30 -11.29 -25.50 -9.07
CA THR B 30 -12.61 -25.59 -8.48
C THR B 30 -13.50 -26.55 -9.26
N ASP B 31 -13.53 -26.38 -10.59
CA ASP B 31 -14.27 -27.24 -11.50
C ASP B 31 -13.44 -27.38 -12.77
N LYS B 32 -13.07 -28.63 -13.11
N LYS B 32 -13.03 -28.61 -13.08
CA LYS B 32 -12.18 -28.89 -14.23
CA LYS B 32 -12.05 -28.83 -14.16
C LYS B 32 -12.66 -28.24 -15.52
C LYS B 32 -12.54 -28.29 -15.50
N GLN B 33 -13.98 -28.21 -15.75
N GLN B 33 -13.86 -28.22 -15.70
CA GLN B 33 -14.48 -27.69 -17.02
CA GLN B 33 -14.39 -27.69 -16.95
C GLN B 33 -14.34 -26.18 -17.13
C GLN B 33 -14.03 -26.23 -17.13
N TYR B 34 -14.01 -25.48 -16.04
CA TYR B 34 -13.82 -24.05 -16.06
C TYR B 34 -12.35 -23.73 -15.82
N ASP B 35 -11.63 -23.36 -16.86
CA ASP B 35 -10.17 -23.27 -16.80
C ASP B 35 -9.76 -22.40 -17.97
N TRP B 36 -9.28 -21.19 -17.68
CA TRP B 36 -8.67 -20.34 -18.71
C TRP B 36 -7.27 -19.94 -18.30
N VAL B 37 -6.58 -20.79 -17.54
CA VAL B 37 -5.24 -20.53 -17.06
C VAL B 37 -4.25 -21.60 -17.52
N THR B 38 -4.66 -22.88 -17.47
CA THR B 38 -3.69 -23.94 -17.78
C THR B 38 -3.16 -23.83 -19.19
N GLN B 39 -4.01 -23.44 -20.15
CA GLN B 39 -3.60 -23.32 -21.54
C GLN B 39 -2.62 -22.18 -21.71
N PHE B 40 -2.86 -21.07 -21.00
CA PHE B 40 -1.97 -19.91 -21.05
C PHE B 40 -0.59 -20.26 -20.50
N GLU B 41 -0.57 -20.94 -19.36
CA GLU B 41 0.71 -21.26 -18.73
C GLU B 41 1.52 -22.23 -19.59
N LYS B 42 0.85 -23.20 -20.23
CA LYS B 42 1.54 -24.15 -21.11
C LYS B 42 2.10 -23.49 -22.35
N GLU B 43 1.40 -22.49 -22.90
CA GLU B 43 1.85 -21.82 -24.10
C GLU B 43 2.91 -20.75 -23.84
N THR B 44 2.83 -20.04 -22.70
CA THR B 44 3.79 -18.98 -22.38
C THR B 44 4.92 -19.40 -21.44
N GLY B 45 4.81 -20.54 -20.78
CA GLY B 45 5.75 -20.89 -19.72
C GLY B 45 5.67 -19.99 -18.50
N CYS B 46 4.49 -19.43 -18.21
CA CYS B 46 4.36 -18.35 -17.24
C CYS B 46 3.38 -18.74 -16.13
N ALA B 47 3.90 -18.93 -14.92
CA ALA B 47 3.08 -19.27 -13.76
C ALA B 47 2.19 -18.08 -13.35
N VAL B 48 0.88 -18.26 -13.42
CA VAL B 48 -0.07 -17.20 -13.04
C VAL B 48 -0.41 -17.32 -11.55
N ASN B 49 -0.12 -16.28 -10.79
N ASN B 49 -0.18 -16.26 -10.78
CA ASN B 49 -0.48 -16.21 -9.38
CA ASN B 49 -0.46 -16.24 -9.35
C ASN B 49 -1.62 -15.21 -9.23
C ASN B 49 -1.52 -15.18 -9.04
N VAL B 50 -2.69 -15.61 -8.57
CA VAL B 50 -3.85 -14.76 -8.36
C VAL B 50 -3.95 -14.38 -6.89
N LYS B 51 -4.06 -13.08 -6.61
CA LYS B 51 -4.44 -12.54 -5.30
C LYS B 51 -5.88 -12.07 -5.42
N THR B 52 -6.79 -12.71 -4.68
CA THR B 52 -8.21 -12.34 -4.79
C THR B 52 -8.53 -11.19 -3.83
N ALA B 53 -9.39 -10.28 -4.29
CA ALA B 53 -9.86 -9.18 -3.44
C ALA B 53 -11.33 -8.93 -3.74
N ALA B 54 -12.05 -8.41 -2.74
CA ALA B 54 -13.50 -8.34 -2.82
C ALA B 54 -14.06 -6.93 -2.68
N THR B 55 -13.22 -5.90 -2.56
CA THR B 55 -13.65 -4.51 -2.74
C THR B 55 -12.64 -3.80 -3.63
N SER B 56 -13.10 -2.77 -4.34
CA SER B 56 -12.16 -1.94 -5.11
C SER B 56 -11.19 -1.19 -4.18
N ASP B 57 -11.60 -0.86 -2.96
CA ASP B 57 -10.68 -0.20 -2.02
C ASP B 57 -9.50 -1.09 -1.68
N GLU B 58 -9.75 -2.39 -1.46
CA GLU B 58 -8.68 -3.35 -1.28
C GLU B 58 -7.78 -3.42 -2.52
N MSE B 59 -8.37 -3.38 -3.72
CA MSE B 59 -7.55 -3.43 -4.93
C MSE B 59 -6.68 -2.20 -5.13
O MSE B 59 -5.52 -2.32 -5.54
CB MSE B 59 -8.43 -3.62 -6.15
CG MSE B 59 -9.00 -5.04 -6.22
SE MSE B 59 -9.86 -5.35 -7.93
CE MSE B 59 -10.51 -7.13 -7.56
N VAL B 60 -7.24 -1.01 -4.87
CA VAL B 60 -6.43 0.21 -4.89
C VAL B 60 -5.29 0.09 -3.91
N SER B 61 -5.58 -0.34 -2.68
CA SER B 61 -4.54 -0.52 -1.68
C SER B 61 -3.48 -1.54 -2.11
N LEU B 62 -3.92 -2.66 -2.72
CA LEU B 62 -2.94 -3.65 -3.16
C LEU B 62 -2.04 -3.10 -4.26
N MSE B 63 -2.58 -2.23 -5.09
CA MSE B 63 -1.83 -1.70 -6.21
C MSE B 63 -0.85 -0.62 -5.79
O MSE B 63 0.15 -0.38 -6.46
CB MSE B 63 -2.77 -1.16 -7.28
CG MSE B 63 -3.43 -2.26 -8.09
SE MSE B 63 -2.20 -3.12 -9.33
CE MSE B 63 -2.13 -1.73 -10.69
N THR B 64 -1.13 0.04 -4.68
CA THR B 64 -0.30 1.15 -4.25
C THR B 64 1.05 0.66 -3.75
N LYS B 65 1.07 -0.47 -3.03
CA LYS B 65 2.32 -0.99 -2.50
C LYS B 65 3.10 -1.80 -3.53
N GLY B 66 2.46 -2.26 -4.60
CA GLY B 66 3.19 -2.84 -5.72
C GLY B 66 3.52 -4.31 -5.52
N GLY B 67 4.25 -4.85 -6.50
CA GLY B 67 4.50 -6.27 -6.60
C GLY B 67 3.49 -7.04 -7.44
N TYR B 68 2.44 -6.39 -7.92
CA TYR B 68 1.48 -7.03 -8.80
C TYR B 68 1.62 -6.47 -10.20
N ASP B 69 1.50 -7.34 -11.20
CA ASP B 69 1.56 -6.92 -12.59
C ASP B 69 0.23 -6.36 -13.09
N LEU B 70 -0.88 -7.05 -12.78
CA LEU B 70 -2.20 -6.74 -13.33
C LEU B 70 -3.23 -6.68 -12.21
N VAL B 71 -4.28 -5.90 -12.48
CA VAL B 71 -5.47 -5.84 -11.63
C VAL B 71 -6.70 -5.81 -12.54
N THR B 72 -7.73 -6.54 -12.16
CA THR B 72 -9.02 -6.45 -12.88
C THR B 72 -9.86 -5.43 -12.13
N ALA B 73 -9.63 -4.16 -12.46
CA ALA B 73 -10.23 -3.04 -11.73
C ALA B 73 -11.61 -2.67 -12.27
N SER B 74 -12.57 -2.50 -11.35
CA SER B 74 -13.85 -1.92 -11.69
C SER B 74 -13.71 -0.40 -11.80
N GLY B 75 -14.79 0.26 -12.22
CA GLY B 75 -14.77 1.70 -12.44
C GLY B 75 -14.48 2.56 -11.22
N ASP B 76 -14.84 2.06 -10.02
CA ASP B 76 -14.51 2.80 -8.80
C ASP B 76 -13.08 2.59 -8.34
N ALA B 77 -12.26 1.85 -9.09
CA ALA B 77 -10.83 1.81 -8.87
C ALA B 77 -10.03 2.35 -10.06
N SER B 78 -10.55 2.21 -11.28
CA SER B 78 -9.73 2.45 -12.47
C SER B 78 -9.23 3.89 -12.55
N LEU B 79 -10.13 4.86 -12.35
CA LEU B 79 -9.71 6.26 -12.44
C LEU B 79 -8.85 6.64 -11.24
N ARG B 80 -9.14 6.08 -10.06
CA ARG B 80 -8.24 6.29 -8.93
C ARG B 80 -6.83 5.83 -9.29
N LEU B 81 -6.71 4.63 -9.88
CA LEU B 81 -5.39 4.11 -10.23
C LEU B 81 -4.68 4.97 -11.26
N ILE B 82 -5.41 5.41 -12.29
CA ILE B 82 -4.83 6.24 -13.34
C ILE B 82 -4.34 7.55 -12.75
N MSE B 83 -5.17 8.21 -11.96
CA MSE B 83 -4.83 9.52 -11.42
C MSE B 83 -3.65 9.42 -10.43
O MSE B 83 -2.88 10.36 -10.27
CB MSE B 83 -6.04 10.17 -10.74
CG MSE B 83 -7.17 10.47 -11.72
SE MSE B 83 -6.79 11.85 -13.06
CE MSE B 83 -6.25 10.77 -14.57
N GLY B 84 -3.50 8.25 -9.79
CA GLY B 84 -2.34 8.02 -8.94
C GLY B 84 -1.10 7.56 -9.67
N LYS B 85 -1.18 7.43 -10.99
CA LYS B 85 -0.07 6.96 -11.82
C LYS B 85 0.37 5.56 -11.42
N ARG B 86 -0.55 4.75 -10.92
N ARG B 86 -0.58 4.76 -10.91
CA ARG B 86 -0.22 3.38 -10.53
CA ARG B 86 -0.29 3.39 -10.51
C ARG B 86 -0.46 2.37 -11.62
C ARG B 86 -0.32 2.42 -11.68
N VAL B 87 -0.92 2.81 -12.80
CA VAL B 87 -1.11 1.95 -13.95
C VAL B 87 -0.56 2.69 -15.17
N GLN B 88 -0.06 1.92 -16.13
CA GLN B 88 0.54 2.58 -17.28
C GLN B 88 -0.35 2.44 -18.51
N PRO B 89 -0.30 3.40 -19.43
CA PRO B 89 -1.04 3.24 -20.69
C PRO B 89 -0.49 2.07 -21.46
N ILE B 90 -1.36 1.46 -22.26
CA ILE B 90 -0.97 0.33 -23.11
C ILE B 90 -1.08 0.74 -24.58
N ASN B 91 -0.38 -0.01 -25.41
CA ASN B 91 -0.40 0.15 -26.86
C ASN B 91 -1.35 -0.92 -27.39
N THR B 92 -2.57 -0.52 -27.79
CA THR B 92 -3.59 -1.50 -28.15
C THR B 92 -3.23 -2.32 -29.39
N ALA B 93 -2.36 -1.79 -30.27
CA ALA B 93 -1.94 -2.57 -31.45
C ALA B 93 -1.09 -3.79 -31.06
N LEU B 94 -0.55 -3.82 -29.83
CA LEU B 94 0.14 -4.99 -29.32
C LEU B 94 -0.82 -6.06 -28.83
N ILE B 95 -2.12 -5.85 -28.96
CA ILE B 95 -3.15 -6.75 -28.47
C ILE B 95 -4.03 -7.10 -29.67
N PRO B 96 -3.71 -8.17 -30.39
CA PRO B 96 -4.37 -8.42 -31.68
C PRO B 96 -5.89 -8.54 -31.58
N ASN B 97 -6.43 -9.00 -30.45
CA ASN B 97 -7.87 -9.19 -30.33
C ASN B 97 -8.61 -7.91 -30.01
N TRP B 98 -7.93 -6.78 -29.97
CA TRP B 98 -8.55 -5.52 -29.57
C TRP B 98 -9.79 -5.19 -30.41
N LYS B 99 -9.74 -5.47 -31.71
CA LYS B 99 -10.83 -5.11 -32.62
C LYS B 99 -12.11 -5.91 -32.38
N THR B 100 -12.07 -6.98 -31.59
CA THR B 100 -13.27 -7.76 -31.31
C THR B 100 -14.07 -7.22 -30.12
N LEU B 101 -13.63 -6.13 -29.50
CA LEU B 101 -14.31 -5.63 -28.32
C LEU B 101 -15.67 -5.04 -28.67
N ASP B 102 -16.58 -5.11 -27.71
CA ASP B 102 -17.91 -4.50 -27.83
C ASP B 102 -17.78 -2.99 -28.00
N PRO B 103 -18.46 -2.38 -28.98
CA PRO B 103 -18.46 -0.91 -29.07
C PRO B 103 -18.93 -0.21 -27.79
N ARG B 104 -19.70 -0.88 -26.92
CA ARG B 104 -20.18 -0.19 -25.72
C ARG B 104 -19.09 -0.03 -24.66
N VAL B 105 -17.98 -0.74 -24.76
CA VAL B 105 -16.92 -0.60 -23.76
C VAL B 105 -15.62 -0.07 -24.34
N VAL B 106 -15.40 -0.18 -25.64
CA VAL B 106 -14.05 -0.03 -26.17
C VAL B 106 -13.45 1.35 -25.87
N LYS B 107 -14.27 2.39 -25.82
CA LYS B 107 -13.76 3.71 -25.47
C LYS B 107 -14.37 4.22 -24.16
N GLY B 108 -14.67 3.33 -23.23
CA GLY B 108 -15.26 3.76 -21.97
C GLY B 108 -14.36 4.77 -21.26
N ASP B 109 -14.98 5.82 -20.71
CA ASP B 109 -14.21 6.87 -20.08
C ASP B 109 -13.64 6.45 -18.73
N TRP B 110 -14.00 5.27 -18.26
CA TRP B 110 -13.41 4.69 -17.06
C TRP B 110 -12.06 4.03 -17.28
N PHE B 111 -11.57 3.89 -18.52
CA PHE B 111 -10.18 3.50 -18.75
C PHE B 111 -9.52 4.24 -19.91
N ASN B 112 -10.20 5.18 -20.55
CA ASN B 112 -9.61 6.01 -21.59
C ASN B 112 -9.56 7.43 -21.02
N VAL B 113 -8.36 7.97 -20.84
CA VAL B 113 -8.20 9.27 -20.20
C VAL B 113 -7.14 10.05 -20.97
N GLY B 114 -7.47 11.27 -21.36
CA GLY B 114 -6.54 12.15 -22.06
C GLY B 114 -5.91 11.58 -23.31
N GLY B 115 -6.66 10.75 -24.04
CA GLY B 115 -6.14 10.18 -25.27
C GLY B 115 -5.31 8.93 -25.09
N LYS B 116 -5.32 8.31 -23.92
N LYS B 116 -5.30 8.33 -23.90
CA LYS B 116 -4.53 7.13 -23.64
CA LYS B 116 -4.49 7.13 -23.64
C LYS B 116 -5.43 6.00 -23.15
C LYS B 116 -5.40 6.02 -23.11
N VAL B 117 -5.03 4.77 -23.45
CA VAL B 117 -5.78 3.58 -23.04
C VAL B 117 -5.08 2.95 -21.84
N TYR B 118 -5.80 2.76 -20.73
CA TYR B 118 -5.14 2.29 -19.52
C TYR B 118 -5.46 0.82 -19.18
N GLY B 119 -6.02 0.06 -20.11
CA GLY B 119 -6.10 -1.38 -19.92
C GLY B 119 -7.08 -2.04 -20.87
N THR B 120 -7.24 -3.35 -20.66
CA THR B 120 -8.10 -4.16 -21.53
C THR B 120 -9.40 -4.51 -20.82
N PRO B 121 -10.58 -4.15 -21.38
CA PRO B 121 -11.85 -4.59 -20.79
C PRO B 121 -11.86 -6.09 -20.61
N TYR B 122 -12.52 -6.56 -19.54
CA TYR B 122 -12.52 -7.97 -19.23
C TYR B 122 -13.92 -8.56 -19.16
N GLN B 123 -14.78 -8.01 -18.30
CA GLN B 123 -16.17 -8.44 -18.10
C GLN B 123 -16.94 -7.25 -17.55
N TRP B 124 -18.26 -7.33 -17.66
CA TRP B 124 -19.12 -6.39 -16.94
C TRP B 124 -20.35 -7.13 -16.43
N GLY B 125 -21.10 -6.48 -15.55
CA GLY B 125 -22.23 -7.16 -14.96
C GLY B 125 -22.89 -6.39 -13.83
N PRO B 126 -23.98 -6.95 -13.31
CA PRO B 126 -24.80 -6.24 -12.31
C PRO B 126 -24.62 -6.68 -10.87
N ASN B 127 -25.08 -5.84 -9.98
CA ASN B 127 -25.20 -6.16 -8.56
C ASN B 127 -26.68 -6.49 -8.31
N LEU B 128 -26.99 -7.76 -8.09
CA LEU B 128 -28.37 -8.22 -8.10
C LEU B 128 -28.90 -8.41 -6.68
N LEU B 129 -30.22 -8.55 -6.55
CA LEU B 129 -30.83 -8.91 -5.27
C LEU B 129 -30.84 -10.44 -5.20
N MSE B 130 -30.03 -11.02 -4.32
CA MSE B 130 -29.99 -12.47 -4.13
C MSE B 130 -30.88 -12.88 -2.96
O MSE B 130 -30.83 -12.27 -1.89
CB MSE B 130 -28.56 -12.96 -3.87
CG MSE B 130 -28.39 -14.47 -3.90
SE MSE B 130 -26.49 -14.98 -3.87
CE MSE B 130 -26.04 -14.54 -2.03
N TYR B 131 -31.70 -13.92 -3.14
CA TYR B 131 -32.72 -14.22 -2.14
C TYR B 131 -32.99 -15.72 -2.05
N ASN B 132 -33.57 -16.12 -0.92
CA ASN B 132 -33.94 -17.50 -0.69
C ASN B 132 -35.34 -17.76 -1.27
N THR B 133 -35.43 -18.70 -2.21
CA THR B 133 -36.72 -18.96 -2.86
C THR B 133 -37.71 -19.73 -1.99
N LYS B 134 -37.29 -20.22 -0.83
CA LYS B 134 -38.29 -20.78 0.09
C LYS B 134 -38.98 -19.67 0.86
N THR B 135 -38.22 -18.64 1.28
CA THR B 135 -38.79 -17.45 1.92
C THR B 135 -39.62 -16.65 0.94
N PHE B 136 -39.17 -16.58 -0.32
CA PHE B 136 -39.82 -15.78 -1.35
C PHE B 136 -40.31 -16.68 -2.48
N PRO B 137 -41.45 -17.38 -2.29
CA PRO B 137 -41.95 -18.25 -3.37
C PRO B 137 -42.34 -17.47 -4.60
N THR B 138 -42.79 -16.26 -4.44
CA THR B 138 -42.87 -15.23 -5.47
C THR B 138 -41.66 -14.32 -5.37
N PRO B 139 -40.87 -14.13 -6.43
CA PRO B 139 -39.63 -13.35 -6.31
C PRO B 139 -39.93 -11.94 -5.81
N PRO B 140 -39.07 -11.40 -4.94
CA PRO B 140 -39.21 -9.99 -4.57
C PRO B 140 -38.94 -9.10 -5.77
N ASP B 141 -39.49 -7.88 -5.71
CA ASP B 141 -39.33 -6.93 -6.81
C ASP B 141 -38.77 -5.60 -6.35
N SER B 142 -38.20 -5.53 -5.15
CA SER B 142 -37.80 -4.24 -4.59
C SER B 142 -36.67 -4.43 -3.59
N TRP B 143 -35.69 -3.52 -3.63
CA TRP B 143 -34.67 -3.52 -2.60
C TRP B 143 -35.21 -3.25 -1.20
N GLN B 144 -36.49 -2.85 -1.07
CA GLN B 144 -36.99 -2.57 0.27
C GLN B 144 -36.84 -3.76 1.22
N VAL B 145 -36.82 -5.01 0.71
CA VAL B 145 -36.67 -6.16 1.61
C VAL B 145 -35.32 -6.20 2.31
N VAL B 146 -34.29 -5.49 1.79
CA VAL B 146 -33.03 -5.38 2.54
C VAL B 146 -32.84 -4.04 3.25
N PHE B 147 -33.69 -3.03 2.98
CA PHE B 147 -33.54 -1.70 3.60
C PHE B 147 -34.54 -1.36 4.69
N VAL B 148 -35.77 -1.87 4.61
CA VAL B 148 -36.85 -1.45 5.50
C VAL B 148 -37.32 -2.64 6.31
N GLU B 149 -37.19 -2.54 7.64
CA GLU B 149 -37.71 -3.55 8.55
C GLU B 149 -39.15 -3.90 8.23
N GLN B 150 -39.43 -5.19 8.04
CA GLN B 150 -40.76 -5.63 7.64
C GLN B 150 -40.82 -7.15 7.76
N ASN B 151 -42.04 -7.68 7.74
CA ASN B 151 -42.26 -9.11 7.69
C ASN B 151 -42.11 -9.60 6.26
N LEU B 152 -41.40 -10.72 6.10
CA LEU B 152 -41.21 -11.34 4.80
C LEU B 152 -42.31 -12.36 4.56
N PRO B 153 -42.42 -12.92 3.35
CA PRO B 153 -43.51 -13.87 3.08
C PRO B 153 -43.60 -15.07 4.02
N ASP B 154 -42.51 -15.43 4.72
CA ASP B 154 -42.54 -16.55 5.65
C ASP B 154 -43.02 -16.18 7.05
N GLY B 155 -43.47 -14.94 7.26
CA GLY B 155 -44.03 -14.52 8.52
C GLY B 155 -43.07 -13.79 9.43
N LYS B 156 -41.76 -13.94 9.24
CA LYS B 156 -40.77 -13.41 10.17
C LYS B 156 -40.20 -12.09 9.68
N SER B 157 -39.72 -11.30 10.63
CA SER B 157 -39.07 -10.04 10.28
C SER B 157 -37.79 -10.28 9.49
N ASN B 158 -37.47 -9.36 8.59
CA ASN B 158 -36.18 -9.38 7.90
C ASN B 158 -35.04 -8.96 8.82
N LYS B 159 -35.32 -8.46 10.03
CA LYS B 159 -34.27 -7.99 10.93
C LYS B 159 -33.31 -9.14 11.24
N GLY B 160 -32.02 -8.93 10.99
CA GLY B 160 -30.98 -9.91 11.23
C GLY B 160 -30.89 -11.01 10.19
N ARG B 161 -31.63 -10.90 9.10
CA ARG B 161 -31.66 -11.94 8.08
C ARG B 161 -31.32 -11.38 6.70
N VAL B 162 -30.77 -10.16 6.66
CA VAL B 162 -30.31 -9.55 5.43
C VAL B 162 -28.88 -9.08 5.63
N GLN B 163 -28.20 -8.81 4.52
CA GLN B 163 -26.83 -8.34 4.56
C GLN B 163 -26.69 -7.14 3.62
N ALA B 164 -25.55 -6.47 3.70
CA ALA B 164 -25.22 -5.39 2.78
C ALA B 164 -23.73 -5.43 2.54
N TYR B 165 -23.33 -4.96 1.38
CA TYR B 165 -21.92 -4.97 0.98
C TYR B 165 -21.09 -4.06 1.87
N ASP B 166 -19.89 -4.51 2.26
CA ASP B 166 -19.10 -3.69 3.16
C ASP B 166 -18.22 -2.67 2.43
N GLY B 167 -18.23 -2.63 1.09
CA GLY B 167 -17.56 -1.57 0.36
C GLY B 167 -18.36 -0.29 0.39
N PRO B 168 -17.71 0.85 0.68
CA PRO B 168 -18.47 2.12 0.76
C PRO B 168 -19.18 2.49 -0.52
N ILE B 169 -18.82 1.88 -1.65
CA ILE B 169 -19.56 2.08 -2.89
C ILE B 169 -21.01 1.62 -2.76
N TYR B 170 -21.32 0.83 -1.73
CA TYR B 170 -22.71 0.44 -1.49
C TYR B 170 -23.63 1.64 -1.31
N ILE B 171 -23.09 2.79 -0.87
CA ILE B 171 -23.91 3.99 -0.76
C ILE B 171 -24.66 4.30 -2.05
N ALA B 172 -24.07 3.97 -3.20
CA ALA B 172 -24.78 4.20 -4.47
C ALA B 172 -26.00 3.29 -4.63
N ASP B 173 -25.96 2.08 -4.07
CA ASP B 173 -27.15 1.21 -4.02
C ASP B 173 -28.25 1.87 -3.21
N ALA B 174 -27.90 2.39 -2.03
CA ALA B 174 -28.88 3.09 -1.20
C ALA B 174 -29.39 4.34 -1.90
N ALA B 175 -28.50 5.02 -2.65
CA ALA B 175 -28.92 6.19 -3.43
C ALA B 175 -29.99 5.80 -4.45
N LEU B 176 -29.81 4.67 -5.13
CA LEU B 176 -30.85 4.19 -6.04
C LEU B 176 -32.15 3.94 -5.30
N PHE B 177 -32.09 3.32 -4.12
CA PHE B 177 -33.32 3.10 -3.36
C PHE B 177 -33.97 4.42 -2.97
N VAL B 178 -33.17 5.41 -2.55
CA VAL B 178 -33.74 6.71 -2.17
C VAL B 178 -34.30 7.41 -3.40
N LYS B 179 -33.56 7.39 -4.51
CA LYS B 179 -34.04 7.96 -5.77
C LYS B 179 -35.46 7.49 -6.07
N ALA B 180 -35.71 6.18 -5.98
CA ALA B 180 -37.05 5.66 -6.25
C ALA B 180 -38.05 6.03 -5.15
N THR B 181 -37.67 5.94 -3.88
CA THR B 181 -38.67 6.15 -2.82
C THR B 181 -38.86 7.63 -2.45
N GLN B 182 -37.89 8.48 -2.71
CA GLN B 182 -38.01 9.92 -2.47
C GLN B 182 -37.56 10.64 -3.73
N PRO B 183 -38.32 10.51 -4.82
CA PRO B 183 -37.93 11.18 -6.06
C PRO B 183 -37.87 12.70 -5.93
N GLN B 184 -38.44 13.26 -4.86
CA GLN B 184 -38.42 14.71 -4.63
C GLN B 184 -37.01 15.24 -4.38
N LEU B 185 -36.11 14.38 -3.91
CA LEU B 185 -34.76 14.84 -3.59
C LEU B 185 -33.95 15.17 -4.84
N GLY B 186 -34.38 14.71 -6.02
CA GLY B 186 -33.68 15.06 -7.25
C GLY B 186 -32.43 14.26 -7.52
N ILE B 187 -32.24 13.12 -6.86
CA ILE B 187 -31.11 12.26 -7.18
C ILE B 187 -31.22 11.79 -8.62
N SER B 188 -30.12 11.91 -9.36
CA SER B 188 -30.06 11.39 -10.71
C SER B 188 -28.95 10.37 -10.83
N ASP B 189 -27.72 10.87 -10.93
CA ASP B 189 -26.53 10.03 -10.84
C ASP B 189 -26.30 9.63 -9.38
N PRO B 190 -26.42 8.35 -9.01
CA PRO B 190 -26.30 7.98 -7.59
C PRO B 190 -24.89 8.10 -7.06
N TYR B 191 -23.88 8.35 -7.91
CA TYR B 191 -22.53 8.57 -7.43
C TYR B 191 -22.22 10.03 -7.17
N GLN B 192 -23.05 10.95 -7.63
CA GLN B 192 -22.80 12.39 -7.51
C GLN B 192 -23.95 13.00 -6.72
N LEU B 193 -23.81 13.02 -5.39
CA LEU B 193 -24.87 13.41 -4.48
C LEU B 193 -24.58 14.80 -3.92
N THR B 194 -25.58 15.67 -3.93
CA THR B 194 -25.46 16.90 -3.16
C THR B 194 -25.50 16.58 -1.67
N GLU B 195 -25.14 17.58 -0.85
CA GLU B 195 -25.15 17.38 0.59
C GLU B 195 -26.51 16.92 1.08
N GLU B 196 -27.58 17.52 0.53
CA GLU B 196 -28.93 17.16 0.97
C GLU B 196 -29.29 15.73 0.55
N GLN B 197 -28.96 15.35 -0.68
CA GLN B 197 -29.23 13.99 -1.12
C GLN B 197 -28.43 12.98 -0.31
N TYR B 198 -27.14 13.27 -0.10
CA TYR B 198 -26.25 12.35 0.60
C TYR B 198 -26.72 12.08 2.02
N GLN B 199 -27.21 13.13 2.71
CA GLN B 199 -27.66 12.92 4.07
C GLN B 199 -28.93 12.09 4.11
N ALA B 200 -29.80 12.23 3.10
CA ALA B 200 -30.99 11.39 3.03
C ALA B 200 -30.61 9.93 2.86
N VAL B 201 -29.58 9.66 2.04
CA VAL B 201 -29.10 8.30 1.82
C VAL B 201 -28.47 7.74 3.08
N LEU B 202 -27.69 8.56 3.79
CA LEU B 202 -27.09 8.10 5.03
C LEU B 202 -28.13 7.77 6.09
N LYS B 203 -29.25 8.50 6.10
CA LYS B 203 -30.36 8.17 7.00
C LYS B 203 -30.94 6.79 6.70
N VAL B 204 -31.10 6.48 5.41
CA VAL B 204 -31.62 5.16 5.04
C VAL B 204 -30.63 4.08 5.43
N LEU B 205 -29.32 4.37 5.33
CA LEU B 205 -28.31 3.37 5.68
C LEU B 205 -28.22 3.13 7.19
N ARG B 206 -28.43 4.17 7.99
CA ARG B 206 -28.51 3.97 9.43
C ARG B 206 -29.73 3.15 9.82
N ALA B 207 -30.84 3.28 9.09
CA ALA B 207 -32.00 2.45 9.39
C ALA B 207 -31.79 1.03 8.92
N GLN B 208 -31.13 0.85 7.78
CA GLN B 208 -30.80 -0.49 7.31
C GLN B 208 -29.88 -1.18 8.29
N HIS B 209 -29.04 -0.41 8.97
CA HIS B 209 -28.00 -0.97 9.83
C HIS B 209 -28.58 -1.85 10.92
N SER B 210 -29.76 -1.52 11.42
N SER B 210 -29.77 -1.51 11.41
CA SER B 210 -30.36 -2.34 12.47
CA SER B 210 -30.39 -2.32 12.46
C SER B 210 -30.87 -3.67 11.96
C SER B 210 -30.81 -3.70 11.95
N LEU B 211 -30.97 -3.86 10.63
CA LEU B 211 -31.38 -5.13 10.06
C LEU B 211 -30.22 -6.05 9.73
N ILE B 212 -29.02 -5.50 9.60
CA ILE B 212 -27.92 -6.18 8.93
C ILE B 212 -27.35 -7.27 9.83
N HIS B 213 -27.45 -8.51 9.36
CA HIS B 213 -26.75 -9.62 9.99
C HIS B 213 -25.23 -9.46 9.88
N ARG B 214 -24.73 -9.11 8.70
CA ARG B 214 -23.31 -8.94 8.49
C ARG B 214 -23.11 -8.08 7.26
N TYR B 215 -22.08 -7.23 7.29
CA TYR B 215 -21.65 -6.53 6.09
C TYR B 215 -20.70 -7.45 5.34
N TRP B 216 -21.08 -7.88 4.13
CA TRP B 216 -20.36 -8.99 3.49
C TRP B 216 -19.21 -8.46 2.64
N HIS B 217 -18.18 -9.29 2.53
CA HIS B 217 -16.95 -8.96 1.81
C HIS B 217 -16.49 -10.24 1.12
N ASP B 218 -16.04 -11.20 1.91
CA ASP B 218 -15.63 -12.49 1.39
C ASP B 218 -16.83 -13.28 0.89
N THR B 219 -16.77 -13.79 -0.35
CA THR B 219 -17.95 -14.42 -0.93
C THR B 219 -18.25 -15.79 -0.29
N THR B 220 -17.22 -16.50 0.17
N THR B 220 -17.22 -16.50 0.16
CA THR B 220 -17.49 -17.79 0.80
CA THR B 220 -17.48 -17.78 0.81
C THR B 220 -18.20 -17.61 2.14
C THR B 220 -18.22 -17.58 2.12
N VAL B 221 -17.87 -16.52 2.85
CA VAL B 221 -18.56 -16.21 4.08
C VAL B 221 -20.02 -15.84 3.81
N GLN B 222 -20.26 -14.99 2.81
CA GLN B 222 -21.63 -14.60 2.51
C GLN B 222 -22.47 -15.81 2.13
N MSE B 223 -21.88 -16.76 1.44
CA MSE B 223 -22.57 -17.98 1.08
C MSE B 223 -22.90 -18.80 2.32
O MSE B 223 -24.03 -19.28 2.46
CB MSE B 223 -21.76 -18.79 0.07
CG MSE B 223 -21.78 -18.16 -1.34
SE MSE B 223 -20.41 -18.97 -2.46
CE MSE B 223 -20.68 -20.84 -1.95
N SER B 224 -21.92 -18.95 3.22
N SER B 224 -21.93 -18.95 3.23
CA SER B 224 -22.18 -19.72 4.43
CA SER B 224 -22.17 -19.71 4.44
C SER B 224 -23.30 -19.10 5.26
C SER B 224 -23.29 -19.09 5.28
N ASP B 225 -23.42 -17.77 5.25
CA ASP B 225 -24.52 -17.12 5.97
C ASP B 225 -25.88 -17.53 5.40
N PHE B 226 -25.97 -17.62 4.06
CA PHE B 226 -27.20 -18.07 3.41
C PHE B 226 -27.51 -19.52 3.70
N LYS B 227 -26.46 -20.35 3.87
CA LYS B 227 -26.63 -21.76 4.18
C LYS B 227 -26.88 -22.00 5.66
N ASN B 228 -26.15 -21.32 6.55
CA ASN B 228 -26.11 -21.74 7.95
C ASN B 228 -26.43 -20.65 8.96
N GLU B 229 -26.72 -19.42 8.54
CA GLU B 229 -27.02 -18.36 9.49
C GLU B 229 -28.35 -17.68 9.21
N GLY B 230 -29.22 -18.27 8.39
CA GLY B 230 -30.59 -17.79 8.24
C GLY B 230 -30.79 -16.59 7.34
N VAL B 231 -29.76 -16.16 6.63
CA VAL B 231 -29.86 -14.97 5.80
C VAL B 231 -30.66 -15.33 4.55
N VAL B 232 -31.66 -14.50 4.22
CA VAL B 232 -32.57 -14.84 3.14
C VAL B 232 -32.56 -13.83 1.99
N ALA B 233 -31.83 -12.70 2.11
CA ALA B 233 -31.77 -11.71 1.03
C ALA B 233 -30.58 -10.79 1.23
N SER B 234 -29.93 -10.43 0.12
CA SER B 234 -28.77 -9.56 0.17
C SER B 234 -28.46 -9.08 -1.24
N SER B 235 -27.84 -7.90 -1.35
CA SER B 235 -27.09 -7.59 -2.57
C SER B 235 -26.01 -8.66 -2.78
N ALA B 236 -25.72 -8.98 -4.04
CA ALA B 236 -24.72 -9.99 -4.37
C ALA B 236 -24.28 -9.88 -5.83
N TRP B 237 -23.18 -10.54 -6.14
CA TRP B 237 -22.80 -10.75 -7.54
C TRP B 237 -23.42 -12.06 -8.04
N PRO B 238 -23.60 -12.21 -9.36
CA PRO B 238 -24.19 -13.45 -9.87
C PRO B 238 -23.30 -14.66 -9.61
N TYR B 239 -22.03 -14.40 -9.28
CA TYR B 239 -21.08 -15.46 -8.98
C TYR B 239 -21.52 -16.28 -7.77
N GLN B 240 -21.80 -15.60 -6.65
CA GLN B 240 -22.27 -16.27 -5.44
C GLN B 240 -23.60 -16.98 -5.68
N ALA B 241 -24.50 -16.35 -6.43
CA ALA B 241 -25.75 -17.02 -6.76
C ALA B 241 -25.48 -18.31 -7.54
N ASN B 242 -24.63 -18.25 -8.56
CA ASN B 242 -24.29 -19.46 -9.31
C ASN B 242 -23.72 -20.53 -8.39
N ALA B 243 -22.84 -20.13 -7.46
CA ALA B 243 -22.19 -21.11 -6.60
C ALA B 243 -23.18 -21.75 -5.63
N LEU B 244 -24.08 -20.95 -5.06
CA LEU B 244 -25.09 -21.50 -4.17
C LEU B 244 -26.04 -22.43 -4.92
N LYS B 245 -26.47 -22.02 -6.12
CA LYS B 245 -27.33 -22.88 -6.95
C LYS B 245 -26.67 -24.22 -7.23
N ALA B 246 -25.40 -24.19 -7.64
CA ALA B 246 -24.69 -25.42 -7.98
C ALA B 246 -24.48 -26.33 -6.76
N GLU B 247 -24.71 -25.82 -5.56
CA GLU B 247 -24.64 -26.55 -4.30
C GLU B 247 -25.99 -27.09 -3.85
N GLY B 248 -27.02 -27.01 -4.71
CA GLY B 248 -28.34 -27.40 -4.28
C GLY B 248 -29.06 -26.43 -3.37
N GLN B 249 -28.58 -25.20 -3.27
CA GLN B 249 -29.21 -24.28 -2.33
C GLN B 249 -30.37 -23.54 -2.98
N PRO B 250 -31.44 -23.29 -2.23
CA PRO B 250 -32.65 -22.64 -2.80
C PRO B 250 -32.49 -21.12 -2.92
N VAL B 251 -31.77 -20.69 -3.96
CA VAL B 251 -31.31 -19.30 -4.08
C VAL B 251 -31.46 -18.83 -5.52
N ALA B 252 -31.91 -17.59 -5.69
CA ALA B 252 -32.08 -17.01 -7.02
C ALA B 252 -31.84 -15.50 -6.90
N THR B 253 -31.94 -14.80 -8.02
CA THR B 253 -31.62 -13.37 -8.05
C THR B 253 -32.69 -12.64 -8.83
N VAL B 254 -32.82 -11.34 -8.57
CA VAL B 254 -33.75 -10.49 -9.30
C VAL B 254 -33.08 -9.13 -9.55
N PHE B 255 -33.47 -8.49 -10.66
CA PHE B 255 -33.23 -7.07 -10.88
C PHE B 255 -34.40 -6.29 -10.28
N PRO B 256 -34.24 -5.61 -9.15
CA PRO B 256 -35.39 -4.96 -8.50
C PRO B 256 -35.84 -3.70 -9.24
N LYS B 257 -37.03 -3.25 -8.85
CA LYS B 257 -37.70 -2.18 -9.55
C LYS B 257 -36.94 -0.87 -9.47
N GLU B 258 -36.15 -0.64 -8.42
CA GLU B 258 -35.39 0.60 -8.31
C GLU B 258 -34.17 0.63 -9.21
N GLY B 259 -33.84 -0.49 -9.86
CA GLY B 259 -32.61 -0.57 -10.63
C GLY B 259 -31.46 -1.13 -9.83
N VAL B 260 -30.33 -1.30 -10.50
CA VAL B 260 -29.15 -1.89 -9.89
C VAL B 260 -27.91 -1.10 -10.25
N THR B 261 -26.90 -1.18 -9.39
CA THR B 261 -25.57 -0.76 -9.75
C THR B 261 -24.88 -1.93 -10.45
N GLY B 262 -23.64 -1.74 -10.85
CA GLY B 262 -22.90 -2.83 -11.45
C GLY B 262 -21.48 -2.35 -11.69
N TRP B 263 -20.76 -3.08 -12.54
CA TRP B 263 -19.33 -2.83 -12.67
C TRP B 263 -18.90 -3.24 -14.07
N ALA B 264 -17.99 -2.44 -14.64
CA ALA B 264 -17.27 -2.81 -15.87
C ALA B 264 -15.79 -2.90 -15.52
N ASP B 265 -15.20 -4.07 -15.73
CA ASP B 265 -13.87 -4.37 -15.20
C ASP B 265 -12.85 -4.32 -16.32
N THR B 266 -11.66 -3.80 -16.00
CA THR B 266 -10.59 -3.56 -16.94
C THR B 266 -9.31 -4.17 -16.37
N THR B 267 -8.62 -4.98 -17.16
CA THR B 267 -7.33 -5.50 -16.78
C THR B 267 -6.27 -4.42 -16.98
N MSE B 268 -5.66 -3.99 -15.90
CA MSE B 268 -4.77 -2.81 -15.98
C MSE B 268 -3.37 -3.18 -15.54
O MSE B 268 -3.20 -3.94 -14.59
CB MSE B 268 -5.32 -1.66 -15.12
CG MSE B 268 -6.77 -1.36 -15.39
SE MSE B 268 -7.42 0.13 -14.31
CE MSE B 268 -7.02 1.56 -15.54
N LEU B 269 -2.37 -2.62 -16.22
CA LEU B 269 -0.97 -2.97 -16.06
C LEU B 269 -0.30 -2.00 -15.08
N HIS B 270 0.26 -2.56 -14.01
CA HIS B 270 0.96 -1.75 -13.01
C HIS B 270 2.11 -0.96 -13.64
N SER B 271 2.28 0.30 -13.21
CA SER B 271 3.22 1.21 -13.87
C SER B 271 4.67 0.74 -13.79
N GLU B 272 5.03 -0.02 -12.75
CA GLU B 272 6.39 -0.56 -12.69
C GLU B 272 6.40 -2.08 -12.81
N ALA B 273 5.47 -2.63 -13.61
CA ALA B 273 5.26 -4.07 -13.65
C ALA B 273 6.53 -4.78 -14.11
N LYS B 274 6.87 -5.85 -13.39
CA LYS B 274 8.08 -6.60 -13.66
C LYS B 274 7.93 -7.57 -14.82
N HIS B 275 6.71 -7.95 -15.17
CA HIS B 275 6.48 -8.93 -16.23
C HIS B 275 5.51 -8.38 -17.29
N PRO B 276 5.89 -7.28 -17.95
CA PRO B 276 4.97 -6.67 -18.91
C PRO B 276 4.71 -7.55 -20.13
N VAL B 277 5.63 -8.43 -20.49
CA VAL B 277 5.44 -9.25 -21.68
C VAL B 277 4.37 -10.30 -21.43
N CYS B 278 4.50 -11.02 -20.30
CA CYS B 278 3.45 -11.94 -19.86
C CYS B 278 2.11 -11.23 -19.72
N ALA B 279 2.13 -10.03 -19.16
CA ALA B 279 0.88 -9.32 -18.92
C ALA B 279 0.18 -8.95 -20.22
N TYR B 280 0.94 -8.49 -21.23
CA TYR B 280 0.32 -8.21 -22.52
C TYR B 280 -0.23 -9.48 -23.14
N LYS B 281 0.49 -10.60 -22.97
CA LYS B 281 0.01 -11.89 -23.47
C LYS B 281 -1.29 -12.29 -22.78
N TRP B 282 -1.36 -12.11 -21.46
CA TRP B 282 -2.60 -12.35 -20.73
C TRP B 282 -3.74 -11.45 -21.21
N MSE B 283 -3.47 -10.18 -21.38
CA MSE B 283 -4.51 -9.27 -21.82
C MSE B 283 -5.11 -9.70 -23.16
O MSE B 283 -6.35 -9.70 -23.31
CB MSE B 283 -3.95 -7.83 -21.86
CG MSE B 283 -3.87 -7.21 -20.44
SE MSE B 283 -3.50 -5.28 -20.36
CE MSE B 283 -1.83 -5.31 -21.37
N ASN B 284 -4.27 -10.10 -24.11
CA ASN B 284 -4.79 -10.57 -25.39
C ASN B 284 -5.52 -11.89 -25.25
N TRP B 285 -4.96 -12.82 -24.48
CA TRP B 285 -5.59 -14.11 -24.26
C TRP B 285 -6.93 -13.96 -23.54
N SER B 286 -7.03 -13.00 -22.63
CA SER B 286 -8.28 -12.77 -21.89
C SER B 286 -9.44 -12.43 -22.82
N LEU B 287 -9.17 -11.91 -24.02
CA LEU B 287 -10.16 -11.51 -25.00
C LEU B 287 -10.54 -12.62 -25.98
N THR B 288 -9.91 -13.79 -25.92
CA THR B 288 -10.28 -14.86 -26.83
C THR B 288 -11.73 -15.28 -26.56
N PRO B 289 -12.51 -15.62 -27.60
CA PRO B 289 -13.96 -15.81 -27.38
C PRO B 289 -14.31 -16.89 -26.38
N LYS B 290 -13.64 -18.05 -26.39
CA LYS B 290 -14.01 -19.10 -25.45
C LYS B 290 -13.72 -18.70 -24.02
N VAL B 291 -12.58 -18.04 -23.77
CA VAL B 291 -12.27 -17.55 -22.42
C VAL B 291 -13.36 -16.57 -21.98
N GLN B 292 -13.69 -15.63 -22.86
CA GLN B 292 -14.66 -14.59 -22.51
C GLN B 292 -16.01 -15.20 -22.17
N GLY B 293 -16.47 -16.18 -22.96
CA GLY B 293 -17.73 -16.83 -22.64
C GLY B 293 -17.63 -17.72 -21.41
N ASP B 294 -16.48 -18.39 -21.23
CA ASP B 294 -16.33 -19.30 -20.09
C ASP B 294 -16.34 -18.53 -18.77
N VAL B 295 -15.67 -17.38 -18.73
CA VAL B 295 -15.69 -16.56 -17.53
C VAL B 295 -17.10 -16.01 -17.29
N ALA B 296 -17.79 -15.54 -18.35
CA ALA B 296 -19.17 -15.09 -18.20
C ALA B 296 -20.07 -16.22 -17.67
N ALA B 297 -19.84 -17.43 -18.16
CA ALA B 297 -20.58 -18.59 -17.69
C ALA B 297 -20.37 -18.77 -16.20
N TRP B 298 -19.10 -18.81 -15.80
CA TRP B 298 -18.76 -19.07 -14.41
C TRP B 298 -19.25 -17.94 -13.50
N PHE B 299 -18.94 -16.70 -13.85
CA PHE B 299 -19.21 -15.62 -12.89
C PHE B 299 -20.63 -15.12 -13.00
N GLY B 300 -21.29 -15.39 -14.11
CA GLY B 300 -22.59 -14.81 -14.33
C GLY B 300 -22.52 -13.42 -14.89
N SER B 301 -21.32 -12.97 -15.23
CA SER B 301 -21.09 -11.67 -15.83
C SER B 301 -21.34 -11.80 -17.33
N LEU B 302 -20.98 -10.75 -18.08
CA LEU B 302 -21.11 -10.60 -19.50
C LEU B 302 -19.74 -10.35 -20.13
N PRO B 303 -19.47 -11.00 -21.25
CA PRO B 303 -18.20 -10.76 -21.94
C PRO B 303 -18.16 -9.38 -22.59
N VAL B 304 -16.95 -8.83 -22.64
CA VAL B 304 -16.70 -7.61 -23.41
C VAL B 304 -16.41 -7.88 -24.87
N VAL B 305 -16.28 -9.14 -25.25
CA VAL B 305 -16.16 -9.53 -26.64
C VAL B 305 -17.47 -10.21 -27.04
N PRO B 306 -18.31 -9.58 -27.88
CA PRO B 306 -19.63 -10.15 -28.17
C PRO B 306 -19.60 -11.53 -28.78
N GLU B 307 -18.57 -11.85 -29.56
CA GLU B 307 -18.37 -13.23 -30.02
C GLU B 307 -18.32 -14.22 -28.87
N GLY B 308 -17.92 -13.77 -27.68
CA GLY B 308 -17.91 -14.66 -26.53
C GLY B 308 -19.28 -15.24 -26.22
N CYS B 309 -20.34 -14.57 -26.66
CA CYS B 309 -21.68 -15.05 -26.37
C CYS B 309 -22.00 -16.37 -27.05
N LYS B 310 -21.24 -16.75 -28.09
CA LYS B 310 -21.56 -17.96 -28.84
C LYS B 310 -20.43 -18.98 -28.87
N ALA B 311 -19.35 -18.75 -28.12
CA ALA B 311 -18.17 -19.61 -28.19
C ALA B 311 -18.03 -20.50 -26.96
N SER B 312 -19.02 -20.55 -26.09
CA SER B 312 -18.87 -21.30 -24.85
C SER B 312 -20.13 -22.10 -24.56
N PRO B 313 -20.08 -23.44 -24.64
CA PRO B 313 -21.29 -24.23 -24.29
C PRO B 313 -21.62 -24.18 -22.81
N LEU B 314 -20.62 -23.95 -21.95
CA LEU B 314 -20.90 -23.70 -20.54
C LEU B 314 -21.79 -22.49 -20.36
N LEU B 315 -21.55 -21.44 -21.15
CA LEU B 315 -22.42 -20.26 -21.12
C LEU B 315 -23.73 -20.55 -21.82
N GLY B 316 -23.67 -21.32 -22.90
CA GLY B 316 -24.87 -21.75 -23.60
C GLY B 316 -25.43 -20.69 -24.52
N GLU B 317 -26.42 -21.13 -25.32
CA GLU B 317 -27.06 -20.29 -26.34
C GLU B 317 -27.74 -19.06 -25.74
N LYS B 318 -28.34 -19.20 -24.56
N LYS B 318 -28.32 -19.20 -24.56
CA LYS B 318 -29.12 -18.13 -23.95
CA LYS B 318 -29.11 -18.13 -23.96
C LYS B 318 -28.39 -17.44 -22.82
C LYS B 318 -28.41 -17.48 -22.78
N GLY B 319 -27.16 -17.84 -22.52
CA GLY B 319 -26.46 -17.30 -21.35
C GLY B 319 -26.27 -15.80 -21.39
N CYS B 320 -25.89 -15.25 -22.56
CA CYS B 320 -25.68 -13.80 -22.63
C CYS B 320 -27.00 -13.06 -22.38
N GLU B 321 -28.09 -13.51 -22.99
CA GLU B 321 -29.37 -12.86 -22.78
C GLU B 321 -29.82 -13.00 -21.33
N THR B 322 -29.68 -14.20 -20.76
CA THR B 322 -30.08 -14.42 -19.37
C THR B 322 -29.26 -13.59 -18.39
N ASN B 323 -27.94 -13.47 -18.61
CA ASN B 323 -27.10 -12.74 -17.67
C ASN B 323 -27.29 -11.24 -17.77
N GLY B 324 -27.92 -10.74 -18.84
CA GLY B 324 -28.23 -9.33 -18.99
C GLY B 324 -27.49 -8.58 -20.09
N PHE B 325 -27.16 -9.24 -21.21
CA PHE B 325 -26.34 -8.58 -22.25
C PHE B 325 -27.01 -7.31 -22.77
N ASN B 326 -28.35 -7.27 -22.83
CA ASN B 326 -29.08 -6.11 -23.36
C ASN B 326 -29.43 -5.11 -22.27
N TYR B 327 -28.94 -5.32 -21.07
CA TYR B 327 -29.26 -4.51 -19.93
C TYR B 327 -28.16 -3.48 -19.63
N PHE B 328 -27.08 -3.48 -20.44
CA PHE B 328 -25.94 -2.60 -20.22
C PHE B 328 -26.37 -1.17 -19.89
N ASP B 329 -27.20 -0.56 -20.72
CA ASP B 329 -27.39 0.86 -20.44
C ASP B 329 -28.41 1.11 -19.33
N LYS B 330 -28.93 0.06 -18.69
CA LYS B 330 -29.76 0.24 -17.50
C LYS B 330 -28.96 0.18 -16.20
N ILE B 331 -27.66 -0.14 -16.25
CA ILE B 331 -26.88 -0.36 -15.04
C ILE B 331 -26.23 0.94 -14.63
N ALA B 332 -26.22 1.24 -13.33
CA ALA B 332 -25.49 2.40 -12.77
C ALA B 332 -24.10 1.91 -12.40
N PHE B 333 -23.16 2.00 -13.35
CA PHE B 333 -21.86 1.35 -13.18
C PHE B 333 -21.01 2.04 -12.12
N TRP B 334 -20.31 1.25 -11.31
CA TRP B 334 -19.44 1.79 -10.28
C TRP B 334 -18.48 2.83 -10.84
N LYS B 335 -18.41 3.98 -10.17
CA LYS B 335 -17.38 4.99 -10.42
C LYS B 335 -17.11 5.68 -9.10
N THR B 336 -16.00 6.44 -9.06
CA THR B 336 -15.60 7.14 -7.84
C THR B 336 -16.31 8.48 -7.73
N PRO B 337 -17.08 8.71 -6.65
CA PRO B 337 -17.67 10.03 -6.39
C PRO B 337 -16.61 11.12 -6.28
N ILE B 338 -16.79 12.20 -7.03
CA ILE B 338 -15.85 13.32 -6.96
C ILE B 338 -16.61 14.59 -6.59
N ALA B 339 -15.91 15.49 -5.89
CA ALA B 339 -16.56 16.67 -5.33
C ALA B 339 -16.86 17.74 -6.35
N GLU B 340 -16.08 17.77 -7.44
CA GLU B 340 -15.99 18.86 -8.42
C GLU B 340 -16.35 20.25 -7.89
N GLY B 341 -15.41 20.91 -7.24
CA GLY B 341 -15.61 22.28 -6.81
C GLY B 341 -16.51 22.46 -5.62
N GLY B 342 -16.79 21.41 -4.86
CA GLY B 342 -17.66 21.53 -3.72
C GLY B 342 -19.13 21.31 -4.02
N LYS B 343 -19.47 20.93 -5.25
CA LYS B 343 -20.87 20.71 -5.62
C LYS B 343 -21.41 19.37 -5.10
N PHE B 344 -20.53 18.38 -4.94
CA PHE B 344 -20.95 17.02 -4.58
C PHE B 344 -20.05 16.44 -3.49
N VAL B 345 -20.55 15.40 -2.84
CA VAL B 345 -19.81 14.79 -1.74
C VAL B 345 -18.76 13.83 -2.27
N PRO B 346 -17.48 14.00 -1.95
CA PRO B 346 -16.44 13.12 -2.50
C PRO B 346 -16.35 11.78 -1.79
N TYR B 347 -15.69 10.83 -2.46
CA TYR B 347 -15.62 9.46 -1.94
C TYR B 347 -14.91 9.39 -0.61
N SER B 348 -13.99 10.33 -0.32
CA SER B 348 -13.33 10.32 0.98
C SER B 348 -14.37 10.39 2.09
N ARG B 349 -15.44 11.15 1.86
CA ARG B 349 -16.51 11.23 2.85
C ARG B 349 -17.40 9.99 2.83
N TRP B 350 -17.67 9.42 1.65
CA TRP B 350 -18.37 8.13 1.59
C TRP B 350 -17.69 7.10 2.49
N THR B 351 -16.37 6.95 2.33
CA THR B 351 -15.60 5.99 3.11
C THR B 351 -15.80 6.21 4.61
N GLN B 352 -15.49 7.42 5.09
CA GLN B 352 -15.50 7.63 6.53
C GLN B 352 -16.91 7.50 7.09
N ASP B 353 -17.94 7.91 6.34
CA ASP B 353 -19.30 7.78 6.85
C ASP B 353 -19.78 6.33 6.82
N TYR B 354 -19.48 5.61 5.75
CA TYR B 354 -19.93 4.22 5.70
C TYR B 354 -19.26 3.39 6.79
N ILE B 355 -17.96 3.63 7.01
CA ILE B 355 -17.30 2.94 8.12
C ILE B 355 -17.99 3.27 9.43
N ALA B 356 -18.32 4.55 9.64
CA ALA B 356 -18.99 4.98 10.86
C ALA B 356 -20.35 4.31 11.02
N ILE B 357 -21.10 4.22 9.91
CA ILE B 357 -22.44 3.65 9.97
C ILE B 357 -22.38 2.15 10.23
N MSE B 358 -21.44 1.46 9.60
CA MSE B 358 -21.27 0.04 9.83
C MSE B 358 -20.92 -0.27 11.28
O MSE B 358 -21.25 -1.33 11.79
CB MSE B 358 -20.19 -0.54 8.92
CG MSE B 358 -20.67 -0.73 7.48
SE MSE B 358 -19.38 -1.77 6.48
CE MSE B 358 -17.95 -0.47 6.44
N GLY B 359 -20.24 0.68 11.93
CA GLY B 359 -19.85 0.56 13.33
C GLY B 359 -20.89 1.03 14.32
N GLY B 360 -22.08 1.42 13.84
CA GLY B 360 -23.18 1.82 14.70
C GLY B 360 -23.28 3.30 15.00
N ARG B 361 -22.42 4.12 14.40
CA ARG B 361 -22.55 5.59 14.51
C ARG B 361 -23.06 6.19 13.19
N1 IMD C . 17.27 7.59 9.04
C2 IMD C . 17.90 6.60 8.37
N3 IMD C . 19.14 7.04 8.07
C4 IMD C . 19.29 8.28 8.53
C5 IMD C . 18.12 8.63 9.15
C1 EDO D . 17.57 13.29 -11.70
O1 EDO D . 18.87 13.72 -12.09
C2 EDO D . 16.82 12.66 -12.88
O2 EDO D . 16.75 11.24 -12.72
C1 EDO E . 19.79 -18.19 22.36
O1 EDO E . 18.56 -18.38 23.07
C2 EDO E . 19.60 -17.59 20.98
O2 EDO E . 20.43 -18.27 20.03
C1 EDO F . -7.22 6.79 14.02
O1 EDO F . -8.51 7.43 14.05
C2 EDO F . -7.04 6.11 12.67
O2 EDO F . -6.25 4.94 12.85
C1 EDO G . 17.42 22.43 15.65
O1 EDO G . 18.46 21.62 16.22
C2 EDO G . 16.86 21.75 14.39
O2 EDO G . 15.49 22.14 14.17
N1 IMD H . -17.51 -6.71 -8.68
C2 IMD H . -16.78 -6.09 -9.63
N3 IMD H . -16.43 -6.99 -10.55
C4 IMD H . -16.97 -8.18 -10.20
C5 IMD H . -17.65 -8.00 -9.02
#